data_5VYT
#
_entry.id   5VYT
#
_cell.length_a   67.315
_cell.length_b   68.021
_cell.length_c   236.035
_cell.angle_alpha   90.00
_cell.angle_beta   90.00
_cell.angle_gamma   90.00
#
_symmetry.space_group_name_H-M   'P 21 21 21'
#
loop_
_entity.id
_entity.type
_entity.pdbx_description
1 polymer 'Gdp-mannose 4,6-dehydratase / gdp-4-amino-4,6-dideoxy-d-mannose formyltransferase'
2 non-polymer 'N-{[4-({[(6R)-2-amino-5-formyl-4-oxo-1,4,5,6,7,8-hexahydropteridin-6-yl]methyl}amino)phenyl]carbonyl}-L-glutamic acid'
3 non-polymer "GUANOSINE-5'-DIPHOSPHATE"
4 non-polymer 'CHLORIDE ION'
5 water water
#
_entity_poly.entity_id   1
_entity_poly.type   'polypeptide(L)'
_entity_poly.pdbx_seq_one_letter_code
;GHMAIAPNTRVLVAGYGLPAEFCVTTLIGMGVEIDKIAVATHREDNRNCGLHSMLRLRNIQFTTAAANSEEFYEFGANFA
PDMIISMHYRSLIPGRFLKLAKKGSVNLHPSLLPAYRGTNSVAWVIINGESETGFSYHRMDENADTGAILLQERISVEET
DTAFSLFHRQIARAMLRLEEVILKLDQGDPGFAQLGEASYYARELPFGGVIDPRWSEVQIDRFIRAMFFPPFPPAVLKID
GKVYYVPSIDIYRSLMRGIPS
;
_entity_poly.pdbx_strand_id   A,B,C,D
#
# COMPACT_ATOMS: atom_id res chain seq x y z
N ALA A 4 -15.48 -10.99 -8.08
CA ALA A 4 -14.77 -10.96 -6.78
C ALA A 4 -14.45 -9.51 -6.38
N ILE A 5 -13.70 -9.36 -5.30
CA ILE A 5 -13.04 -8.12 -4.96
C ILE A 5 -11.63 -8.14 -5.55
N ALA A 6 -11.13 -6.96 -5.96
CA ALA A 6 -9.77 -6.81 -6.53
C ALA A 6 -8.74 -7.62 -5.71
N PRO A 7 -7.97 -8.52 -6.37
CA PRO A 7 -7.11 -9.36 -5.52
C PRO A 7 -6.00 -8.52 -4.89
N ASN A 8 -5.42 -8.99 -3.79
CA ASN A 8 -4.44 -8.24 -3.01
C ASN A 8 -4.96 -6.95 -2.34
N THR A 9 -6.28 -6.81 -2.25
CA THR A 9 -6.90 -5.72 -1.52
C THR A 9 -6.75 -6.02 -0.03
N ARG A 10 -6.39 -4.98 0.72
CA ARG A 10 -6.11 -5.04 2.14
C ARG A 10 -7.22 -4.29 2.88
N VAL A 11 -7.88 -4.99 3.80
CA VAL A 11 -9.03 -4.45 4.51
C VAL A 11 -8.82 -4.48 5.99
N LEU A 12 -8.89 -3.29 6.60
CA LEU A 12 -8.89 -3.17 8.02
C LEU A 12 -10.34 -3.02 8.46
N VAL A 13 -10.82 -3.93 9.31
CA VAL A 13 -12.12 -3.80 9.94
C VAL A 13 -11.94 -3.24 11.37
N ALA A 14 -12.54 -2.10 11.65
CA ALA A 14 -12.57 -1.54 13.00
C ALA A 14 -13.94 -1.78 13.56
N GLY A 15 -14.06 -2.66 14.55
CA GLY A 15 -15.36 -3.10 14.93
C GLY A 15 -15.52 -3.84 16.24
N TYR A 16 -16.77 -4.23 16.50
CA TYR A 16 -17.24 -4.80 17.77
C TYR A 16 -18.47 -5.71 17.55
N GLY A 17 -18.41 -6.91 18.10
CA GLY A 17 -19.57 -7.76 18.16
C GLY A 17 -19.84 -8.46 16.86
N LEU A 18 -21.00 -9.06 16.84
CA LEU A 18 -21.56 -9.71 15.70
C LEU A 18 -21.35 -8.97 14.37
N PRO A 19 -21.74 -7.70 14.28
CA PRO A 19 -21.53 -7.02 13.00
C PRO A 19 -20.10 -7.18 12.41
N ALA A 20 -19.10 -7.02 13.27
CA ALA A 20 -17.72 -7.18 12.85
C ALA A 20 -17.38 -8.64 12.58
N GLU A 21 -17.93 -9.57 13.35
CA GLU A 21 -17.69 -11.00 13.10
C GLU A 21 -18.31 -11.34 11.73
N PHE A 22 -19.52 -10.85 11.51
CA PHE A 22 -20.20 -11.05 10.27
C PHE A 22 -19.46 -10.40 9.10
N CYS A 23 -18.91 -9.22 9.32
CA CYS A 23 -18.11 -8.55 8.28
C CYS A 23 -16.85 -9.36 7.90
N VAL A 24 -16.13 -9.88 8.89
CA VAL A 24 -14.94 -10.65 8.59
C VAL A 24 -15.29 -11.86 7.76
N THR A 25 -16.32 -12.58 8.20
CA THR A 25 -16.95 -13.72 7.49
C THR A 25 -17.22 -13.37 6.03
N THR A 26 -17.95 -12.27 5.81
CA THR A 26 -18.26 -11.79 4.46
C THR A 26 -16.97 -11.60 3.64
N LEU A 27 -15.96 -10.96 4.23
CA LEU A 27 -14.72 -10.68 3.52
C LEU A 27 -13.98 -11.96 3.08
N ILE A 28 -13.84 -12.92 3.99
CA ILE A 28 -13.32 -14.26 3.65
C ILE A 28 -14.11 -14.92 2.50
N GLY A 29 -15.43 -14.75 2.52
CA GLY A 29 -16.32 -15.19 1.46
C GLY A 29 -16.12 -14.51 0.11
N MET A 30 -15.73 -13.25 0.11
CA MET A 30 -15.39 -12.52 -1.14
C MET A 30 -13.94 -12.75 -1.66
N GLY A 31 -13.17 -13.58 -0.95
CA GLY A 31 -11.82 -13.97 -1.36
C GLY A 31 -10.65 -13.26 -0.66
N VAL A 32 -10.95 -12.41 0.31
CA VAL A 32 -9.91 -11.60 0.91
C VAL A 32 -9.16 -12.55 1.83
N GLU A 33 -7.88 -12.72 1.56
CA GLU A 33 -6.99 -13.55 2.39
C GLU A 33 -6.83 -13.06 3.85
N ILE A 34 -6.47 -13.98 4.73
CA ILE A 34 -6.21 -13.69 6.12
C ILE A 34 -5.13 -12.65 6.34
N ASP A 35 -3.98 -12.82 5.70
CA ASP A 35 -2.94 -11.82 5.87
C ASP A 35 -3.33 -10.45 5.26
N LYS A 36 -4.37 -10.41 4.42
CA LYS A 36 -4.94 -9.16 3.90
C LYS A 36 -6.04 -8.55 4.81
N ILE A 37 -6.29 -9.17 5.95
CA ILE A 37 -7.28 -8.65 6.90
C ILE A 37 -6.63 -8.33 8.24
N ALA A 38 -7.15 -7.26 8.86
CA ALA A 38 -6.71 -6.82 10.16
C ALA A 38 -7.89 -6.18 10.88
N VAL A 39 -7.91 -6.34 12.19
CA VAL A 39 -9.04 -5.90 12.99
C VAL A 39 -8.56 -5.02 14.12
N ALA A 40 -9.15 -3.85 14.22
CA ALA A 40 -9.01 -3.02 15.38
C ALA A 40 -10.30 -3.14 16.19
N THR A 41 -10.22 -3.53 17.46
CA THR A 41 -11.43 -3.71 18.27
C THR A 41 -11.27 -3.18 19.72
N HIS A 42 -12.15 -3.62 20.59
CA HIS A 42 -12.03 -3.42 22.02
C HIS A 42 -11.88 -4.75 22.66
N ARG A 43 -11.57 -4.74 23.94
CA ARG A 43 -11.33 -5.95 24.68
C ARG A 43 -12.52 -6.89 24.65
N GLU A 44 -12.21 -8.16 24.84
CA GLU A 44 -13.20 -9.20 24.94
C GLU A 44 -14.20 -8.84 26.04
N ASP A 45 -15.49 -8.87 25.72
CA ASP A 45 -16.53 -8.72 26.71
C ASP A 45 -17.71 -9.59 26.30
N ASN A 46 -18.85 -9.44 26.96
CA ASN A 46 -20.02 -10.28 26.70
C ASN A 46 -20.80 -9.98 25.38
N ARG A 47 -20.39 -8.95 24.62
CA ARG A 47 -20.90 -8.74 23.27
C ARG A 47 -19.83 -9.04 22.19
N ASN A 48 -18.55 -9.05 22.58
CA ASN A 48 -17.42 -9.05 21.68
C ASN A 48 -16.62 -10.37 21.75
N CYS A 49 -17.20 -11.39 22.36
CA CYS A 49 -16.54 -12.70 22.50
C CYS A 49 -16.46 -13.52 21.22
N GLY A 50 -17.42 -13.31 20.31
CA GLY A 50 -17.49 -14.06 19.08
C GLY A 50 -16.38 -13.57 18.20
N LEU A 51 -16.24 -12.25 18.12
CA LEU A 51 -15.17 -11.65 17.33
C LEU A 51 -13.81 -12.12 17.81
N HIS A 52 -13.57 -11.94 19.11
CA HIS A 52 -12.33 -12.38 19.73
C HIS A 52 -12.06 -13.85 19.51
N SER A 53 -13.04 -14.73 19.70
CA SER A 53 -12.77 -16.14 19.51
C SER A 53 -12.42 -16.46 18.03
N MET A 54 -13.01 -15.74 17.09
CA MET A 54 -12.67 -15.92 15.67
C MET A 54 -11.27 -15.36 15.35
N LEU A 55 -10.93 -14.21 15.91
CA LEU A 55 -9.59 -13.66 15.70
C LEU A 55 -8.54 -14.65 16.18
N ARG A 56 -8.72 -15.22 17.36
CA ARG A 56 -7.77 -16.19 17.89
C ARG A 56 -7.75 -17.47 17.06
N LEU A 57 -8.90 -18.02 16.71
CA LEU A 57 -8.96 -19.30 15.96
C LEU A 57 -8.32 -19.21 14.60
N ARG A 58 -8.60 -18.14 13.89
CA ARG A 58 -8.08 -17.96 12.54
C ARG A 58 -6.73 -17.18 12.48
N ASN A 59 -6.17 -16.80 13.63
CA ASN A 59 -4.88 -16.08 13.70
C ASN A 59 -4.90 -14.79 12.89
N ILE A 60 -5.97 -14.02 13.03
CA ILE A 60 -6.13 -12.74 12.33
C ILE A 60 -5.52 -11.64 13.17
N GLN A 61 -4.65 -10.85 12.57
CA GLN A 61 -3.95 -9.84 13.35
C GLN A 61 -4.92 -8.80 13.87
N PHE A 62 -4.75 -8.41 15.12
CA PHE A 62 -5.63 -7.42 15.70
C PHE A 62 -4.98 -6.56 16.77
N THR A 63 -5.58 -5.39 17.02
CA THR A 63 -5.29 -4.58 18.18
C THR A 63 -6.55 -4.22 18.95
N THR A 64 -6.40 -4.05 20.26
CA THR A 64 -7.43 -3.45 21.10
C THR A 64 -7.00 -2.06 21.58
N ALA A 65 -5.90 -1.52 21.05
CA ALA A 65 -5.37 -0.24 21.53
C ALA A 65 -6.40 0.87 21.35
N ALA A 66 -6.33 1.88 22.20
CA ALA A 66 -7.30 2.96 22.15
C ALA A 66 -7.14 3.72 20.82
N ALA A 67 -8.25 4.13 20.22
CA ALA A 67 -8.23 4.76 18.90
C ALA A 67 -7.36 5.99 18.82
N ASN A 68 -7.16 6.65 19.95
CA ASN A 68 -6.32 7.83 19.99
C ASN A 68 -4.85 7.61 20.41
N SER A 69 -4.41 6.35 20.47
CA SER A 69 -3.06 5.98 20.91
C SER A 69 -2.11 5.81 19.73
N GLU A 70 -0.83 6.08 19.97
CA GLU A 70 0.21 5.82 18.95
C GLU A 70 0.27 4.34 18.54
N GLU A 71 0.01 3.44 19.51
CA GLU A 71 -0.05 2.00 19.26
C GLU A 71 -1.11 1.63 18.20
N PHE A 72 -2.26 2.29 18.27
CA PHE A 72 -3.35 2.11 17.31
C PHE A 72 -2.93 2.67 15.94
N TYR A 73 -2.37 3.89 15.91
CA TYR A 73 -1.91 4.47 14.65
C TYR A 73 -0.87 3.57 13.95
N GLU A 74 0.10 3.10 14.72
CA GLU A 74 1.13 2.16 14.23
C GLU A 74 0.52 0.83 13.73
N PHE A 75 -0.50 0.32 14.40
CA PHE A 75 -1.15 -0.91 13.93
C PHE A 75 -1.66 -0.71 12.49
N GLY A 76 -2.29 0.45 12.27
CA GLY A 76 -2.74 0.87 10.91
C GLY A 76 -1.62 1.03 9.88
N ALA A 77 -0.59 1.79 10.22
CA ALA A 77 0.53 2.05 9.30
C ALA A 77 1.28 0.78 8.95
N ASN A 78 1.54 -0.10 9.92
CA ASN A 78 2.20 -1.38 9.61
C ASN A 78 1.36 -2.26 8.69
N PHE A 79 0.03 -2.23 8.87
CA PHE A 79 -0.89 -2.99 8.00
C PHE A 79 -1.02 -2.35 6.60
N ALA A 80 -1.08 -1.02 6.55
CA ALA A 80 -1.25 -0.26 5.30
C ALA A 80 -2.52 -0.69 4.52
N PRO A 81 -3.69 -0.31 5.03
CA PRO A 81 -4.93 -0.70 4.37
C PRO A 81 -5.25 0.09 3.09
N ASP A 82 -5.97 -0.61 2.20
CA ASP A 82 -6.69 -0.02 1.08
C ASP A 82 -8.00 0.61 1.58
N MET A 83 -8.74 -0.13 2.41
CA MET A 83 -9.97 0.40 3.01
C MET A 83 -10.11 0.04 4.47
N ILE A 84 -10.83 0.90 5.16
CA ILE A 84 -11.18 0.72 6.55
C ILE A 84 -12.68 0.58 6.63
N ILE A 85 -13.18 -0.50 7.25
CA ILE A 85 -14.61 -0.66 7.53
C ILE A 85 -14.90 -0.58 9.02
N SER A 86 -15.73 0.39 9.42
CA SER A 86 -16.17 0.55 10.82
C SER A 86 -17.53 -0.13 11.09
N MET A 87 -17.51 -1.20 11.89
CA MET A 87 -18.74 -1.92 12.23
C MET A 87 -18.91 -1.87 13.72
N HIS A 88 -19.70 -0.89 14.17
CA HIS A 88 -20.02 -0.69 15.59
C HIS A 88 -18.78 -0.46 16.43
N TYR A 89 -17.78 0.18 15.85
CA TYR A 89 -16.60 0.54 16.59
C TYR A 89 -17.05 1.71 17.49
N ARG A 90 -16.69 1.64 18.76
CA ARG A 90 -17.24 2.52 19.82
C ARG A 90 -16.43 3.79 20.11
N SER A 91 -15.34 4.02 19.36
CA SER A 91 -14.50 5.20 19.57
C SER A 91 -14.19 5.91 18.26
N LEU A 92 -14.04 7.23 18.37
CA LEU A 92 -13.77 8.07 17.23
C LEU A 92 -12.39 7.74 16.72
N ILE A 93 -12.32 7.54 15.42
CA ILE A 93 -11.16 7.17 14.73
C ILE A 93 -10.62 8.49 14.17
N PRO A 94 -9.41 8.91 14.61
CA PRO A 94 -8.81 10.18 14.17
C PRO A 94 -8.65 10.24 12.69
N GLY A 95 -8.67 11.44 12.17
CA GLY A 95 -8.48 11.69 10.75
C GLY A 95 -7.18 11.10 10.19
N ARG A 96 -6.08 11.32 10.88
CA ARG A 96 -4.78 10.78 10.42
C ARG A 96 -4.86 9.25 10.17
N PHE A 97 -5.63 8.52 11.01
CA PHE A 97 -5.82 7.08 10.81
C PHE A 97 -6.63 6.76 9.56
N LEU A 98 -7.77 7.44 9.42
CA LEU A 98 -8.63 7.27 8.23
C LEU A 98 -7.87 7.57 6.93
N LYS A 99 -6.96 8.53 7.01
CA LYS A 99 -6.16 8.95 5.86
C LYS A 99 -5.22 7.83 5.39
N LEU A 100 -4.84 6.90 6.27
CA LEU A 100 -4.07 5.72 5.83
C LEU A 100 -4.77 4.91 4.76
N ALA A 101 -6.09 4.92 4.73
CA ALA A 101 -6.81 4.07 3.77
C ALA A 101 -6.91 4.78 2.44
N LYS A 102 -6.14 4.31 1.46
CA LYS A 102 -6.10 4.99 0.16
C LYS A 102 -7.46 5.01 -0.59
N LYS A 103 -8.23 3.92 -0.52
CA LYS A 103 -9.63 3.96 -0.99
C LYS A 103 -10.68 4.44 0.05
N GLY A 104 -10.26 4.82 1.24
CA GLY A 104 -11.17 5.46 2.17
C GLY A 104 -11.92 4.45 3.02
N SER A 105 -13.01 4.92 3.64
CA SER A 105 -13.69 4.13 4.62
C SER A 105 -15.20 4.16 4.50
N VAL A 106 -15.84 3.28 5.27
CA VAL A 106 -17.29 3.24 5.42
C VAL A 106 -17.61 2.87 6.88
N ASN A 107 -18.58 3.58 7.46
CA ASN A 107 -19.13 3.30 8.77
C ASN A 107 -20.60 2.87 8.65
N LEU A 108 -21.07 2.03 9.55
CA LEU A 108 -22.51 1.70 9.61
C LEU A 108 -23.21 2.56 10.64
N HIS A 109 -24.18 3.38 10.24
CA HIS A 109 -24.99 4.10 11.24
C HIS A 109 -26.48 3.74 11.14
N PRO A 110 -27.13 3.42 12.29
CA PRO A 110 -28.52 2.94 12.25
C PRO A 110 -29.54 4.08 12.33
N SER A 111 -29.44 5.00 11.39
CA SER A 111 -30.45 6.01 11.12
C SER A 111 -30.26 6.41 9.68
N LEU A 112 -31.27 7.12 9.17
CA LEU A 112 -31.15 7.79 7.87
C LEU A 112 -30.49 9.15 8.10
N LEU A 113 -29.16 9.16 8.09
CA LEU A 113 -28.40 10.41 8.26
C LEU A 113 -28.74 11.49 7.19
N PRO A 114 -28.81 12.78 7.53
CA PRO A 114 -28.38 13.38 8.79
C PRO A 114 -29.38 13.32 9.95
N ALA A 115 -30.53 12.69 9.74
CA ALA A 115 -31.44 12.43 10.84
C ALA A 115 -30.77 11.50 11.86
N TYR A 116 -30.97 11.83 13.13
CA TYR A 116 -30.62 10.96 14.27
C TYR A 116 -29.14 10.62 14.37
N ARG A 117 -28.29 11.63 14.15
CA ARG A 117 -26.88 11.50 14.49
C ARG A 117 -26.81 11.20 15.97
N GLY A 118 -25.68 10.65 16.40
CA GLY A 118 -25.38 10.48 17.81
C GLY A 118 -25.56 9.04 18.18
N THR A 119 -26.04 8.82 19.41
CA THR A 119 -26.26 7.49 19.97
C THR A 119 -27.73 7.38 20.39
N ASN A 120 -28.09 6.22 20.95
CA ASN A 120 -29.47 5.88 21.26
C ASN A 120 -30.43 6.19 20.13
N SER A 121 -29.96 6.11 18.89
CA SER A 121 -30.83 6.37 17.74
C SER A 121 -32.08 5.48 17.81
N VAL A 122 -31.90 4.19 18.07
CA VAL A 122 -33.05 3.27 18.08
C VAL A 122 -34.02 3.58 19.21
N ALA A 123 -33.51 3.99 20.37
CA ALA A 123 -34.38 4.48 21.46
C ALA A 123 -35.18 5.75 21.13
N TRP A 124 -34.49 6.71 20.53
CA TRP A 124 -35.09 8.03 20.27
C TRP A 124 -36.09 7.98 19.13
N VAL A 125 -35.82 7.14 18.13
CA VAL A 125 -36.77 6.87 17.05
C VAL A 125 -38.16 6.44 17.57
N ILE A 126 -38.16 5.60 18.60
CA ILE A 126 -39.40 5.09 19.17
C ILE A 126 -40.12 6.16 19.98
N ILE A 127 -39.41 6.88 20.87
CA ILE A 127 -40.01 7.95 21.70
C ILE A 127 -40.70 9.00 20.83
N ASN A 128 -39.96 9.52 19.86
CA ASN A 128 -40.46 10.55 18.94
C ASN A 128 -41.55 10.08 18.00
N GLY A 129 -41.87 8.79 18.03
CA GLY A 129 -43.01 8.25 17.35
C GLY A 129 -42.79 8.10 15.87
N GLU A 130 -41.57 7.79 15.45
CA GLU A 130 -41.29 7.72 14.02
C GLU A 130 -41.91 6.45 13.46
N SER A 131 -42.54 6.56 12.31
CA SER A 131 -43.10 5.45 11.59
C SER A 131 -42.01 4.74 10.77
N GLU A 132 -40.95 5.48 10.40
CA GLU A 132 -39.84 4.96 9.62
C GLU A 132 -38.51 5.38 10.22
N THR A 133 -37.54 4.48 10.15
CA THR A 133 -36.14 4.83 10.35
C THR A 133 -35.34 4.19 9.22
N GLY A 134 -34.09 3.82 9.49
CA GLY A 134 -33.33 3.02 8.56
C GLY A 134 -31.88 3.02 8.97
N PHE A 135 -31.00 2.64 8.04
CA PHE A 135 -29.59 2.74 8.32
C PHE A 135 -28.91 3.34 7.15
N SER A 136 -27.73 3.89 7.45
CA SER A 136 -26.84 4.53 6.49
C SER A 136 -25.41 3.99 6.58
N TYR A 137 -24.94 3.41 5.48
CA TYR A 137 -23.51 3.20 5.32
C TYR A 137 -22.83 4.46 4.74
N HIS A 138 -21.85 5.02 5.42
CA HIS A 138 -21.27 6.25 4.93
C HIS A 138 -19.76 6.31 5.04
N ARG A 139 -19.15 7.04 4.10
CA ARG A 139 -17.76 7.41 4.17
C ARG A 139 -17.49 8.30 5.36
N MET A 140 -16.36 8.06 6.05
CA MET A 140 -16.03 8.78 7.29
C MET A 140 -15.10 9.96 7.08
N ASP A 141 -15.23 10.95 7.96
CA ASP A 141 -14.19 11.96 8.10
C ASP A 141 -13.84 12.08 9.58
N GLU A 142 -13.01 13.06 9.94
CA GLU A 142 -12.59 13.26 11.32
C GLU A 142 -13.76 13.43 12.26
N ASN A 143 -14.91 13.88 11.77
CA ASN A 143 -16.12 14.07 12.57
C ASN A 143 -17.05 12.84 12.67
N ALA A 144 -18.00 12.89 13.59
CA ALA A 144 -18.92 11.78 13.83
C ALA A 144 -20.14 11.92 12.91
N ASP A 145 -20.50 10.82 12.25
CA ASP A 145 -21.76 10.66 11.47
C ASP A 145 -21.86 11.56 10.25
N THR A 146 -20.74 12.14 9.86
CA THR A 146 -20.61 12.97 8.67
C THR A 146 -19.97 12.14 7.53
N GLY A 147 -20.21 12.58 6.30
CA GLY A 147 -19.54 12.02 5.14
C GLY A 147 -20.49 11.43 4.15
N ALA A 148 -20.02 11.27 2.93
CA ALA A 148 -20.86 10.88 1.83
C ALA A 148 -21.55 9.56 2.12
N ILE A 149 -22.82 9.50 1.76
CA ILE A 149 -23.59 8.28 1.91
C ILE A 149 -23.27 7.34 0.74
N LEU A 150 -22.89 6.10 1.03
CA LEU A 150 -22.77 5.08 0.00
C LEU A 150 -24.05 4.31 -0.16
N LEU A 151 -24.76 4.04 0.95
CA LEU A 151 -26.01 3.25 0.88
C LEU A 151 -26.91 3.52 2.08
N GLN A 152 -28.22 3.59 1.82
CA GLN A 152 -29.28 3.68 2.86
C GLN A 152 -30.42 2.72 2.59
N GLU A 153 -31.01 2.18 3.63
CA GLU A 153 -32.23 1.39 3.49
C GLU A 153 -33.21 1.83 4.57
N ARG A 154 -34.46 1.93 4.15
CA ARG A 154 -35.52 2.37 5.01
C ARG A 154 -36.02 1.15 5.78
N ILE A 155 -36.22 1.37 7.07
CA ILE A 155 -36.72 0.35 7.98
C ILE A 155 -37.99 0.94 8.56
N SER A 156 -39.08 0.23 8.34
CA SER A 156 -40.34 0.55 9.02
C SER A 156 -40.26 0.24 10.54
N VAL A 157 -40.75 1.18 11.34
CA VAL A 157 -40.90 1.06 12.77
C VAL A 157 -42.33 0.61 13.05
N GLU A 158 -42.48 -0.39 13.91
CA GLU A 158 -43.80 -0.95 14.17
C GLU A 158 -44.28 -0.43 15.47
N GLU A 159 -45.58 -0.60 15.70
CA GLU A 159 -46.23 -0.12 16.92
C GLU A 159 -45.83 -1.02 18.07
N THR A 160 -45.48 -2.27 17.78
CA THR A 160 -45.04 -3.19 18.83
C THR A 160 -43.52 -3.25 19.10
N ASP A 161 -42.74 -2.42 18.41
CA ASP A 161 -41.29 -2.45 18.51
C ASP A 161 -40.82 -1.88 19.84
N THR A 162 -39.75 -2.48 20.35
CA THR A 162 -39.02 -1.92 21.48
C THR A 162 -37.65 -1.49 20.96
N ALA A 163 -36.82 -0.88 21.80
CA ALA A 163 -35.42 -0.61 21.42
C ALA A 163 -34.72 -1.94 21.15
N PHE A 164 -35.06 -2.95 21.92
CA PHE A 164 -34.40 -4.22 21.80
C PHE A 164 -34.65 -4.78 20.40
N SER A 165 -35.91 -4.78 19.96
CA SER A 165 -36.24 -5.40 18.68
C SER A 165 -35.71 -4.56 17.51
N LEU A 166 -35.80 -3.23 17.63
CA LEU A 166 -35.34 -2.37 16.57
C LEU A 166 -33.81 -2.42 16.47
N PHE A 167 -33.12 -2.52 17.60
CA PHE A 167 -31.68 -2.64 17.55
C PHE A 167 -31.26 -3.86 16.76
N HIS A 168 -31.91 -5.00 17.02
CA HIS A 168 -31.50 -6.27 16.38
C HIS A 168 -31.91 -6.35 14.94
N ARG A 169 -33.06 -5.75 14.58
CA ARG A 169 -33.46 -5.67 13.19
C ARG A 169 -32.52 -4.76 12.41
N GLN A 170 -32.08 -3.69 13.05
CA GLN A 170 -31.10 -2.77 12.46
C GLN A 170 -29.87 -3.54 12.02
N ILE A 171 -29.28 -4.29 12.96
CA ILE A 171 -28.09 -5.11 12.66
C ILE A 171 -28.34 -6.10 11.48
N ALA A 172 -29.37 -6.91 11.64
CA ALA A 172 -29.68 -7.98 10.68
C ALA A 172 -29.82 -7.46 9.27
N ARG A 173 -30.67 -6.44 9.11
CA ARG A 173 -30.96 -5.88 7.80
CA ARG A 173 -30.96 -5.90 7.79
C ARG A 173 -29.72 -5.18 7.23
N ALA A 174 -28.95 -4.55 8.10
CA ALA A 174 -27.77 -3.86 7.64
C ALA A 174 -26.78 -4.87 7.07
N MET A 175 -26.69 -6.04 7.69
CA MET A 175 -25.79 -7.08 7.23
C MET A 175 -26.14 -7.59 5.85
N LEU A 176 -27.42 -7.60 5.50
CA LEU A 176 -27.82 -8.12 4.20
C LEU A 176 -27.31 -7.25 3.06
N ARG A 177 -26.84 -6.03 3.35
CA ARG A 177 -26.33 -5.09 2.31
C ARG A 177 -24.84 -4.83 2.36
N LEU A 178 -24.17 -5.54 3.24
CA LEU A 178 -22.77 -5.32 3.54
C LEU A 178 -21.91 -5.68 2.35
N GLU A 179 -22.13 -6.86 1.77
CA GLU A 179 -21.32 -7.25 0.62
C GLU A 179 -21.35 -6.19 -0.47
N GLU A 180 -22.55 -5.75 -0.83
CA GLU A 180 -22.73 -4.69 -1.80
C GLU A 180 -21.95 -3.44 -1.43
N VAL A 181 -22.00 -3.10 -0.15
CA VAL A 181 -21.31 -1.91 0.34
C VAL A 181 -19.82 -2.05 0.18
N ILE A 182 -19.24 -3.19 0.53
CA ILE A 182 -17.79 -3.39 0.34
C ILE A 182 -17.37 -3.25 -1.14
N LEU A 183 -18.18 -3.76 -2.05
CA LEU A 183 -17.94 -3.54 -3.46
C LEU A 183 -17.89 -2.06 -3.76
N LYS A 184 -18.93 -1.31 -3.37
CA LYS A 184 -18.99 0.11 -3.65
C LYS A 184 -17.71 0.80 -3.18
N LEU A 185 -17.30 0.47 -1.97
CA LEU A 185 -16.05 0.99 -1.44
C LEU A 185 -14.87 0.57 -2.34
N ASP A 186 -14.82 -0.70 -2.71
CA ASP A 186 -13.74 -1.21 -3.56
C ASP A 186 -13.72 -0.53 -4.95
N GLN A 187 -14.90 -0.26 -5.52
CA GLN A 187 -15.00 0.41 -6.82
C GLN A 187 -14.76 1.92 -6.73
N GLY A 188 -14.63 2.50 -5.54
CA GLY A 188 -14.42 3.93 -5.41
C GLY A 188 -15.61 4.78 -5.76
N ASP A 189 -16.80 4.29 -5.45
CA ASP A 189 -18.03 5.07 -5.52
C ASP A 189 -17.93 6.25 -4.53
N PRO A 190 -18.07 7.49 -5.03
CA PRO A 190 -17.92 8.62 -4.13
C PRO A 190 -19.10 8.80 -3.17
N GLY A 191 -20.26 8.25 -3.55
CA GLY A 191 -21.49 8.39 -2.75
C GLY A 191 -22.04 9.80 -2.84
N PHE A 192 -23.16 10.05 -2.17
CA PHE A 192 -23.85 11.34 -2.27
C PHE A 192 -23.87 12.05 -0.94
N ALA A 193 -23.83 13.37 -0.99
CA ALA A 193 -23.81 14.21 0.21
C ALA A 193 -25.07 14.02 1.07
N GLN A 194 -24.90 14.11 2.39
CA GLN A 194 -26.03 14.12 3.31
C GLN A 194 -26.85 15.37 3.10
N LEU A 195 -28.17 15.26 3.16
CA LEU A 195 -28.99 16.45 3.10
C LEU A 195 -30.36 16.29 3.72
N GLY A 196 -30.87 17.44 4.14
CA GLY A 196 -32.12 17.56 4.83
C GLY A 196 -31.91 18.00 6.26
N GLU A 197 -32.95 17.80 7.04
CA GLU A 197 -33.05 18.31 8.40
C GLU A 197 -32.19 17.42 9.36
N ALA A 198 -31.08 17.95 9.83
CA ALA A 198 -30.18 17.22 10.70
C ALA A 198 -30.65 17.26 12.15
N SER A 199 -30.56 16.13 12.86
CA SER A 199 -30.92 16.04 14.26
C SER A 199 -29.87 15.26 15.05
N TYR A 200 -29.83 15.45 16.36
CA TYR A 200 -28.83 14.81 17.17
C TYR A 200 -29.32 14.56 18.61
N TYR A 201 -28.84 13.46 19.21
CA TYR A 201 -29.20 13.03 20.59
C TYR A 201 -28.01 12.42 21.31
N ALA A 202 -27.94 12.60 22.63
CA ALA A 202 -26.70 12.40 23.44
C ALA A 202 -26.43 10.97 23.91
N ARG A 203 -25.24 10.77 24.49
CA ARG A 203 -24.86 9.56 25.23
C ARG A 203 -26.00 9.14 26.15
N GLU A 204 -26.35 10.08 27.05
CA GLU A 204 -27.23 9.86 28.20
C GLU A 204 -28.52 9.15 27.87
N LEU A 205 -29.04 8.48 28.90
CA LEU A 205 -30.28 7.73 28.82
C LEU A 205 -31.47 8.72 28.78
N PRO A 206 -32.32 8.65 27.74
CA PRO A 206 -33.50 9.53 27.63
C PRO A 206 -34.28 9.74 28.96
N PHE A 207 -34.36 11.00 29.38
CA PHE A 207 -35.03 11.41 30.65
C PHE A 207 -34.56 10.64 31.88
N GLY A 208 -33.29 10.21 31.85
CA GLY A 208 -32.71 9.28 32.84
C GLY A 208 -33.61 8.10 33.14
N GLY A 209 -34.25 7.55 32.11
CA GLY A 209 -35.08 6.35 32.27
C GLY A 209 -36.34 6.44 33.09
N VAL A 210 -36.83 7.65 33.37
CA VAL A 210 -37.99 7.79 34.27
C VAL A 210 -39.19 8.40 33.54
N ILE A 211 -40.37 7.80 33.80
CA ILE A 211 -41.65 8.14 33.14
C ILE A 211 -42.24 9.34 33.84
N ASP A 212 -42.38 10.44 33.13
CA ASP A 212 -43.16 11.58 33.61
C ASP A 212 -44.66 11.28 33.46
N PRO A 213 -45.42 11.28 34.58
CA PRO A 213 -46.85 10.96 34.51
C PRO A 213 -47.76 12.05 33.86
N ARG A 214 -47.23 13.25 33.64
CA ARG A 214 -47.97 14.27 32.87
C ARG A 214 -47.97 14.06 31.34
N TRP A 215 -47.29 13.03 30.85
CA TRP A 215 -47.37 12.65 29.42
C TRP A 215 -48.66 11.91 29.13
N SER A 216 -49.06 11.89 27.86
CA SER A 216 -50.18 11.06 27.41
C SER A 216 -49.81 9.58 27.46
N GLU A 217 -50.84 8.74 27.45
CA GLU A 217 -50.69 7.29 27.47
C GLU A 217 -49.90 6.82 26.24
N VAL A 218 -50.09 7.54 25.13
CA VAL A 218 -49.36 7.24 23.90
C VAL A 218 -47.86 7.44 24.04
N GLN A 219 -47.43 8.54 24.64
CA GLN A 219 -45.99 8.80 24.83
C GLN A 219 -45.37 7.94 25.91
N ILE A 220 -46.20 7.48 26.84
CA ILE A 220 -45.73 6.69 27.95
C ILE A 220 -45.43 5.32 27.41
N ASP A 221 -46.34 4.81 26.60
CA ASP A 221 -46.18 3.50 25.99
C ASP A 221 -44.91 3.48 25.14
N ARG A 222 -44.65 4.54 24.39
CA ARG A 222 -43.44 4.65 23.57
C ARG A 222 -42.15 4.69 24.38
N PHE A 223 -42.20 5.38 25.52
CA PHE A 223 -41.07 5.50 26.40
C PHE A 223 -40.70 4.14 26.95
N ILE A 224 -41.73 3.45 27.45
CA ILE A 224 -41.62 2.09 27.96
C ILE A 224 -40.96 1.18 26.90
N ARG A 225 -41.49 1.22 25.69
CA ARG A 225 -40.95 0.40 24.60
C ARG A 225 -39.48 0.77 24.27
N ALA A 226 -39.17 2.06 24.29
CA ALA A 226 -37.82 2.52 24.03
C ALA A 226 -36.87 2.17 25.15
N MET A 227 -37.35 2.12 26.39
CA MET A 227 -36.50 1.71 27.50
C MET A 227 -36.36 0.18 27.66
N PHE A 228 -37.05 -0.61 26.81
CA PHE A 228 -37.00 -2.08 26.90
C PHE A 228 -35.74 -2.59 26.20
N PHE A 229 -34.83 -3.16 26.99
CA PHE A 229 -33.54 -3.60 26.49
C PHE A 229 -32.87 -4.51 27.53
N PRO A 230 -33.31 -5.75 27.59
CA PRO A 230 -32.66 -6.62 28.60
C PRO A 230 -31.15 -6.75 28.36
N PRO A 231 -30.35 -6.74 29.42
CA PRO A 231 -30.78 -6.88 30.81
C PRO A 231 -30.85 -5.54 31.57
N PHE A 232 -30.85 -4.42 30.85
CA PHE A 232 -30.87 -3.11 31.48
C PHE A 232 -32.19 -2.94 32.24
N PRO A 233 -32.21 -2.11 33.28
CA PRO A 233 -33.50 -2.00 33.92
C PRO A 233 -34.44 -1.25 32.97
N PRO A 234 -35.74 -1.61 33.00
CA PRO A 234 -36.78 -0.93 32.23
C PRO A 234 -37.13 0.47 32.77
N ALA A 235 -38.15 1.09 32.17
CA ALA A 235 -38.63 2.41 32.58
C ALA A 235 -39.02 2.37 34.04
N VAL A 236 -38.94 3.51 34.72
CA VAL A 236 -39.48 3.65 36.09
C VAL A 236 -40.64 4.65 36.25
N LEU A 237 -41.68 4.22 36.97
CA LEU A 237 -42.74 5.10 37.52
C LEU A 237 -42.44 5.42 39.01
N LYS A 238 -42.98 6.53 39.51
CA LYS A 238 -42.80 6.95 40.92
C LYS A 238 -44.16 7.25 41.57
N ILE A 239 -44.41 6.68 42.75
CA ILE A 239 -45.76 6.56 43.33
C ILE A 239 -45.72 6.34 44.86
N TYR A 244 -43.58 0.69 40.34
CA TYR A 244 -42.19 1.17 40.36
C TYR A 244 -41.32 0.80 39.10
N TYR A 245 -41.25 -0.49 38.71
CA TYR A 245 -40.52 -0.93 37.48
C TYR A 245 -41.47 -1.52 36.43
N VAL A 246 -41.36 -1.04 35.19
CA VAL A 246 -42.45 -1.03 34.17
C VAL A 246 -41.96 -1.45 32.77
N PRO A 247 -41.83 -2.77 32.50
CA PRO A 247 -41.25 -3.23 31.19
C PRO A 247 -42.21 -3.25 29.99
N SER A 248 -43.48 -3.05 30.24
CA SER A 248 -44.52 -3.22 29.25
C SER A 248 -45.70 -2.36 29.65
N ILE A 249 -46.60 -2.14 28.71
CA ILE A 249 -47.74 -1.24 28.92
C ILE A 249 -48.76 -1.92 29.85
N ASP A 250 -48.92 -3.24 29.69
CA ASP A 250 -49.82 -4.06 30.54
C ASP A 250 -49.51 -3.95 32.04
N ILE A 251 -48.22 -4.12 32.39
CA ILE A 251 -47.74 -3.90 33.75
C ILE A 251 -48.01 -2.45 34.22
N TYR A 252 -47.87 -1.49 33.31
CA TYR A 252 -48.23 -0.10 33.60
C TYR A 252 -49.73 0.08 33.80
N ARG A 253 -50.51 -0.66 33.01
CA ARG A 253 -51.96 -0.72 33.14
C ARG A 253 -52.41 -1.50 34.39
N SER A 254 -51.63 -2.52 34.76
CA SER A 254 -51.81 -3.21 36.04
C SER A 254 -51.62 -2.23 37.24
N LEU A 255 -50.69 -1.29 37.15
CA LEU A 255 -50.54 -0.21 38.16
C LEU A 255 -51.39 1.01 37.81
N MET B 3 -45.62 -8.60 5.55
CA MET B 3 -46.30 -9.47 6.55
C MET B 3 -45.32 -9.99 7.65
N ALA B 4 -45.79 -9.94 8.91
CA ALA B 4 -45.01 -10.28 10.11
C ALA B 4 -45.34 -11.68 10.64
N ILE B 5 -44.38 -12.25 11.36
CA ILE B 5 -44.56 -13.53 12.06
C ILE B 5 -45.75 -13.45 13.02
N ALA B 6 -46.44 -14.58 13.16
CA ALA B 6 -47.57 -14.65 14.07
C ALA B 6 -47.20 -14.15 15.50
N PRO B 7 -48.01 -13.24 16.09
CA PRO B 7 -47.80 -12.90 17.51
C PRO B 7 -47.74 -14.13 18.43
N ASN B 8 -46.94 -14.04 19.49
CA ASN B 8 -46.73 -15.16 20.42
C ASN B 8 -46.15 -16.47 19.82
N THR B 9 -45.51 -16.38 18.64
CA THR B 9 -44.80 -17.54 18.08
C THR B 9 -43.64 -17.91 19.01
N ARG B 10 -43.48 -19.20 19.25
CA ARG B 10 -42.47 -19.75 20.16
C ARG B 10 -41.48 -20.56 19.33
N VAL B 11 -40.21 -20.21 19.42
CA VAL B 11 -39.19 -20.68 18.45
C VAL B 11 -38.05 -21.18 19.26
N LEU B 12 -37.77 -22.47 19.10
CA LEU B 12 -36.59 -23.06 19.67
C LEU B 12 -35.54 -23.12 18.57
N VAL B 13 -34.31 -22.71 18.89
CA VAL B 13 -33.19 -22.70 17.96
C VAL B 13 -32.18 -23.69 18.46
N ALA B 14 -31.90 -24.71 17.65
CA ALA B 14 -30.86 -25.66 17.99
C ALA B 14 -29.74 -25.30 17.07
N GLY B 15 -28.63 -24.87 17.65
CA GLY B 15 -27.56 -24.33 16.83
C GLY B 15 -26.26 -24.11 17.50
N TYR B 16 -25.33 -23.57 16.71
CA TYR B 16 -23.94 -23.45 17.10
C TYR B 16 -23.31 -22.29 16.32
N GLY B 17 -22.53 -21.47 17.01
CA GLY B 17 -21.74 -20.45 16.36
C GLY B 17 -22.53 -19.31 15.74
N LEU B 18 -21.87 -18.59 14.83
CA LEU B 18 -22.40 -17.33 14.29
C LEU B 18 -23.81 -17.47 13.69
N PRO B 19 -24.05 -18.53 12.91
CA PRO B 19 -25.38 -18.66 12.29
C PRO B 19 -26.50 -18.68 13.31
N ALA B 20 -26.30 -19.38 14.42
CA ALA B 20 -27.25 -19.38 15.51
C ALA B 20 -27.37 -18.02 16.21
N GLU B 21 -26.25 -17.35 16.50
CA GLU B 21 -26.27 -16.00 17.08
C GLU B 21 -27.08 -15.03 16.18
N PHE B 22 -26.85 -15.18 14.88
CA PHE B 22 -27.48 -14.36 13.87
C PHE B 22 -28.97 -14.71 13.78
N CYS B 23 -29.26 -15.98 13.96
CA CYS B 23 -30.64 -16.42 13.91
C CYS B 23 -31.48 -15.81 15.05
N VAL B 24 -30.91 -15.80 16.25
CA VAL B 24 -31.53 -15.19 17.41
C VAL B 24 -31.64 -13.68 17.22
N THR B 25 -30.59 -13.06 16.70
CA THR B 25 -30.68 -11.67 16.35
C THR B 25 -31.84 -11.44 15.36
N THR B 26 -31.93 -12.32 14.35
CA THR B 26 -33.01 -12.24 13.37
C THR B 26 -34.38 -12.38 14.04
N LEU B 27 -34.54 -13.35 14.93
CA LEU B 27 -35.85 -13.56 15.57
C LEU B 27 -36.27 -12.35 16.47
N ILE B 28 -35.34 -11.79 17.24
CA ILE B 28 -35.65 -10.60 18.08
C ILE B 28 -36.03 -9.35 17.26
N GLY B 29 -35.34 -9.15 16.14
CA GLY B 29 -35.64 -8.08 15.21
C GLY B 29 -36.94 -8.31 14.48
N MET B 30 -37.38 -9.56 14.37
CA MET B 30 -38.73 -9.87 13.84
C MET B 30 -39.82 -9.75 14.92
N GLY B 31 -39.46 -9.34 16.13
CA GLY B 31 -40.42 -9.15 17.19
C GLY B 31 -40.82 -10.39 17.95
N VAL B 32 -40.06 -11.47 17.85
CA VAL B 32 -40.32 -12.62 18.65
C VAL B 32 -39.74 -12.19 19.98
N GLU B 33 -40.47 -12.34 21.07
CA GLU B 33 -40.04 -11.88 22.39
C GLU B 33 -39.07 -12.87 23.02
N ILE B 34 -38.19 -12.38 23.91
CA ILE B 34 -37.17 -13.21 24.56
C ILE B 34 -37.72 -14.43 25.27
N ASP B 35 -38.71 -14.21 26.13
CA ASP B 35 -39.31 -15.32 26.87
C ASP B 35 -39.89 -16.37 25.94
N LYS B 36 -40.17 -16.01 24.69
CA LYS B 36 -40.63 -16.97 23.69
C LYS B 36 -39.51 -17.47 22.73
N ILE B 37 -38.26 -17.37 23.18
CA ILE B 37 -37.13 -17.94 22.47
C ILE B 37 -36.42 -18.94 23.37
N ALA B 38 -36.03 -20.06 22.79
CA ALA B 38 -35.22 -21.02 23.50
C ALA B 38 -34.12 -21.59 22.59
N VAL B 39 -32.97 -21.89 23.18
CA VAL B 39 -31.83 -22.38 22.40
C VAL B 39 -31.31 -23.67 22.95
N ALA B 40 -31.07 -24.61 22.06
CA ALA B 40 -30.35 -25.83 22.38
C ALA B 40 -29.06 -25.75 21.60
N THR B 41 -27.95 -25.89 22.30
CA THR B 41 -26.63 -25.73 21.71
C THR B 41 -25.66 -26.73 22.36
N HIS B 42 -24.35 -26.58 22.11
CA HIS B 42 -23.35 -27.48 22.73
C HIS B 42 -22.51 -26.67 23.71
N ARG B 43 -21.58 -27.37 24.37
CA ARG B 43 -20.63 -26.73 25.28
C ARG B 43 -19.93 -25.53 24.63
N GLU B 44 -19.64 -24.56 25.48
CA GLU B 44 -18.93 -23.39 25.03
C GLU B 44 -17.53 -23.78 24.61
N ASP B 45 -17.18 -23.38 23.41
CA ASP B 45 -15.88 -23.62 22.86
C ASP B 45 -15.60 -22.38 22.00
N ASN B 46 -14.52 -22.41 21.24
CA ASN B 46 -14.09 -21.24 20.54
C ASN B 46 -15.22 -20.69 19.67
N ARG B 47 -15.70 -21.51 18.74
CA ARG B 47 -16.68 -21.08 17.75
C ARG B 47 -18.07 -20.77 18.29
N ASN B 48 -18.36 -21.17 19.52
CA ASN B 48 -19.66 -21.01 20.17
C ASN B 48 -19.76 -19.95 21.30
N CYS B 49 -18.69 -19.18 21.50
CA CYS B 49 -18.68 -18.09 22.52
C CYS B 49 -19.64 -16.97 22.27
N GLY B 50 -19.71 -16.59 21.01
CA GLY B 50 -20.61 -15.55 20.57
C GLY B 50 -21.97 -15.92 21.08
N LEU B 51 -22.42 -17.12 20.72
CA LEU B 51 -23.73 -17.61 21.14
C LEU B 51 -23.86 -17.69 22.66
N HIS B 52 -22.90 -18.35 23.31
CA HIS B 52 -23.02 -18.53 24.77
C HIS B 52 -23.10 -17.21 25.54
N SER B 53 -22.32 -16.23 25.11
CA SER B 53 -22.34 -14.91 25.72
C SER B 53 -23.68 -14.21 25.49
N MET B 54 -24.28 -14.40 24.32
CA MET B 54 -25.58 -13.79 24.04
C MET B 54 -26.64 -14.36 24.99
N LEU B 55 -26.64 -15.68 25.08
CA LEU B 55 -27.59 -16.43 25.90
C LEU B 55 -27.53 -15.89 27.33
N ARG B 56 -26.32 -15.77 27.84
CA ARG B 56 -26.11 -15.28 29.17
C ARG B 56 -26.51 -13.80 29.35
N LEU B 57 -26.13 -12.93 28.43
CA LEU B 57 -26.39 -11.51 28.59
C LEU B 57 -27.87 -11.17 28.50
N ARG B 58 -28.56 -11.72 27.50
CA ARG B 58 -30.00 -11.51 27.32
C ARG B 58 -30.94 -12.49 28.13
N ASN B 59 -30.38 -13.27 29.04
CA ASN B 59 -31.14 -14.29 29.74
C ASN B 59 -32.05 -15.17 28.89
N ILE B 60 -31.52 -15.77 27.85
CA ILE B 60 -32.29 -16.66 26.99
C ILE B 60 -32.05 -18.04 27.54
N GLN B 61 -33.14 -18.77 27.71
CA GLN B 61 -33.09 -20.07 28.33
C GLN B 61 -32.45 -20.99 27.33
N PHE B 62 -31.62 -21.89 27.83
CA PHE B 62 -30.92 -22.79 26.97
C PHE B 62 -30.56 -24.07 27.68
N THR B 63 -30.29 -25.08 26.88
CA THR B 63 -29.69 -26.30 27.35
C THR B 63 -28.51 -26.59 26.45
N THR B 64 -27.51 -27.24 27.03
CA THR B 64 -26.46 -27.92 26.29
C THR B 64 -26.59 -29.44 26.37
N ALA B 65 -27.73 -29.94 26.86
CA ALA B 65 -27.92 -31.38 27.00
C ALA B 65 -27.84 -32.09 25.65
N ALA B 66 -27.34 -33.32 25.70
CA ALA B 66 -27.21 -34.18 24.52
C ALA B 66 -28.55 -34.41 23.85
N ALA B 67 -28.54 -34.42 22.53
CA ALA B 67 -29.74 -34.40 21.72
C ALA B 67 -30.63 -35.60 21.96
N ASN B 68 -30.00 -36.71 22.31
CA ASN B 68 -30.76 -37.90 22.64
C ASN B 68 -31.04 -38.08 24.12
N SER B 69 -30.78 -37.08 24.96
CA SER B 69 -30.97 -37.23 26.39
C SER B 69 -32.42 -36.87 26.80
N GLU B 70 -32.81 -37.37 27.95
CA GLU B 70 -34.18 -37.11 28.45
C GLU B 70 -34.30 -35.62 28.85
N GLU B 71 -33.20 -35.08 29.37
CA GLU B 71 -33.14 -33.67 29.75
C GLU B 71 -33.44 -32.76 28.58
N PHE B 72 -32.88 -33.09 27.42
CA PHE B 72 -33.14 -32.41 26.14
C PHE B 72 -34.60 -32.46 25.67
N TYR B 73 -35.22 -33.64 25.83
CA TYR B 73 -36.59 -33.81 25.40
C TYR B 73 -37.47 -32.96 26.26
N GLU B 74 -37.27 -33.09 27.55
CA GLU B 74 -38.06 -32.33 28.52
C GLU B 74 -37.89 -30.80 28.34
N PHE B 75 -36.67 -30.37 28.11
CA PHE B 75 -36.40 -28.98 27.80
C PHE B 75 -37.28 -28.48 26.67
N GLY B 76 -37.42 -29.30 25.63
CA GLY B 76 -38.27 -28.94 24.50
C GLY B 76 -39.75 -29.01 24.81
N ALA B 77 -40.16 -30.16 25.35
CA ALA B 77 -41.51 -30.33 25.84
C ALA B 77 -41.98 -29.16 26.69
N ASN B 78 -41.23 -28.87 27.76
CA ASN B 78 -41.57 -27.74 28.63
C ASN B 78 -41.67 -26.40 27.94
N PHE B 79 -40.74 -26.12 27.04
CA PHE B 79 -40.79 -24.88 26.28
C PHE B 79 -42.01 -24.83 25.35
N ALA B 80 -42.35 -25.99 24.75
CA ALA B 80 -43.47 -26.11 23.79
C ALA B 80 -43.33 -25.14 22.58
N PRO B 81 -42.37 -25.43 21.67
CA PRO B 81 -42.24 -24.61 20.50
C PRO B 81 -43.38 -24.76 19.46
N ASP B 82 -43.67 -23.65 18.79
CA ASP B 82 -44.34 -23.62 17.49
C ASP B 82 -43.38 -24.08 16.38
N MET B 83 -42.14 -23.54 16.37
CA MET B 83 -41.11 -23.95 15.38
C MET B 83 -39.74 -24.27 15.95
N ILE B 84 -38.99 -25.08 15.22
CA ILE B 84 -37.61 -25.42 15.59
C ILE B 84 -36.71 -25.09 14.46
N ILE B 85 -35.64 -24.34 14.70
CA ILE B 85 -34.74 -23.95 13.62
C ILE B 85 -33.34 -24.46 13.93
N SER B 86 -32.85 -25.39 13.10
CA SER B 86 -31.48 -25.91 13.21
C SER B 86 -30.50 -25.08 12.34
N MET B 87 -29.50 -24.50 13.01
CA MET B 87 -28.47 -23.67 12.41
C MET B 87 -27.13 -24.23 12.82
N HIS B 88 -26.59 -25.12 12.00
CA HIS B 88 -25.33 -25.79 12.25
C HIS B 88 -25.32 -26.52 13.56
N TYR B 89 -26.49 -27.02 14.00
CA TYR B 89 -26.56 -27.97 15.11
C TYR B 89 -25.82 -29.25 14.67
N ARG B 90 -25.15 -29.89 15.62
CA ARG B 90 -24.14 -30.93 15.34
C ARG B 90 -24.56 -32.36 15.69
N SER B 91 -25.66 -32.53 16.42
CA SER B 91 -26.20 -33.84 16.72
C SER B 91 -27.55 -34.05 15.99
N LEU B 92 -27.83 -35.29 15.60
CA LEU B 92 -29.13 -35.65 15.02
C LEU B 92 -30.18 -35.37 16.11
N ILE B 93 -31.17 -34.54 15.80
CA ILE B 93 -32.33 -34.32 16.64
C ILE B 93 -33.37 -35.44 16.41
N PRO B 94 -33.76 -36.16 17.48
CA PRO B 94 -34.70 -37.28 17.28
C PRO B 94 -36.07 -36.88 16.78
N GLY B 95 -36.70 -37.81 16.06
CA GLY B 95 -38.05 -37.64 15.57
C GLY B 95 -39.02 -37.10 16.61
N ARG B 96 -38.92 -37.62 17.83
CA ARG B 96 -39.91 -37.23 18.87
C ARG B 96 -39.77 -35.78 19.35
N PHE B 97 -38.59 -35.20 19.18
CA PHE B 97 -38.36 -33.79 19.55
C PHE B 97 -38.94 -32.86 18.47
N LEU B 98 -38.67 -33.24 17.23
CA LEU B 98 -39.19 -32.51 16.09
C LEU B 98 -40.72 -32.52 16.06
N LYS B 99 -41.30 -33.59 16.62
CA LYS B 99 -42.73 -33.72 16.74
C LYS B 99 -43.32 -32.63 17.59
N LEU B 100 -42.59 -32.18 18.60
CA LEU B 100 -43.10 -31.13 19.48
C LEU B 100 -43.43 -29.86 18.77
N ALA B 101 -42.76 -29.55 17.67
CA ALA B 101 -43.03 -28.27 16.99
C ALA B 101 -44.24 -28.41 16.08
N LYS B 102 -45.28 -27.66 16.36
CA LYS B 102 -46.53 -27.88 15.65
C LYS B 102 -46.34 -27.45 14.21
N LYS B 103 -45.73 -26.29 13.99
CA LYS B 103 -45.42 -25.82 12.64
C LYS B 103 -44.20 -26.48 12.01
N GLY B 104 -43.53 -27.39 12.73
CA GLY B 104 -42.41 -28.15 12.16
C GLY B 104 -41.07 -27.39 12.27
N SER B 105 -40.14 -27.71 11.37
CA SER B 105 -38.77 -27.29 11.50
C SER B 105 -38.09 -26.95 10.17
N VAL B 106 -36.90 -26.36 10.28
CA VAL B 106 -36.03 -26.10 9.14
C VAL B 106 -34.60 -26.27 9.58
N ASN B 107 -33.78 -26.77 8.66
CA ASN B 107 -32.35 -26.90 8.85
C ASN B 107 -31.64 -26.27 7.69
N LEU B 108 -30.49 -25.63 7.95
CA LEU B 108 -29.64 -25.07 6.91
C LEU B 108 -28.50 -26.06 6.60
N HIS B 109 -28.43 -26.45 5.33
CA HIS B 109 -27.42 -27.34 4.81
C HIS B 109 -26.75 -26.69 3.59
N PRO B 110 -25.38 -26.63 3.55
CA PRO B 110 -24.64 -25.92 2.49
C PRO B 110 -24.37 -26.79 1.25
N SER B 111 -25.44 -27.29 0.63
CA SER B 111 -25.35 -27.94 -0.67
C SER B 111 -26.69 -27.83 -1.33
N LEU B 112 -26.78 -28.14 -2.61
CA LEU B 112 -28.09 -28.24 -3.25
C LEU B 112 -28.63 -29.66 -3.09
N LEU B 113 -29.25 -29.94 -1.94
CA LEU B 113 -29.69 -31.30 -1.65
C LEU B 113 -30.65 -31.84 -2.76
N PRO B 114 -30.59 -33.12 -3.09
CA PRO B 114 -29.90 -34.17 -2.35
C PRO B 114 -28.42 -34.36 -2.70
N ALA B 115 -27.86 -33.49 -3.52
CA ALA B 115 -26.42 -33.55 -3.77
C ALA B 115 -25.68 -33.12 -2.49
N TYR B 116 -24.63 -33.84 -2.17
CA TYR B 116 -23.70 -33.49 -1.10
C TYR B 116 -24.33 -33.53 0.28
N ARG B 117 -25.10 -34.58 0.52
CA ARG B 117 -25.49 -34.96 1.88
C ARG B 117 -24.22 -35.37 2.58
N GLY B 118 -24.21 -35.31 3.91
CA GLY B 118 -22.98 -35.58 4.68
C GLY B 118 -22.29 -34.32 5.16
N THR B 119 -20.97 -34.31 5.33
CA THR B 119 -20.32 -33.29 6.21
C THR B 119 -19.09 -32.46 5.73
N ASN B 120 -18.49 -32.77 4.59
CA ASN B 120 -17.45 -31.91 4.07
C ASN B 120 -17.95 -31.44 2.75
N SER B 121 -19.17 -30.91 2.74
CA SER B 121 -19.81 -30.54 1.47
C SER B 121 -18.94 -29.56 0.67
N VAL B 122 -18.44 -28.55 1.35
CA VAL B 122 -17.64 -27.49 0.72
C VAL B 122 -16.35 -28.01 0.08
N ALA B 123 -15.61 -28.84 0.80
CA ALA B 123 -14.36 -29.41 0.27
C ALA B 123 -14.62 -30.30 -0.92
N TRP B 124 -15.59 -31.19 -0.79
CA TRP B 124 -15.95 -32.14 -1.85
C TRP B 124 -16.45 -31.44 -3.07
N VAL B 125 -17.14 -30.32 -2.92
CA VAL B 125 -17.64 -29.55 -4.06
C VAL B 125 -16.44 -29.04 -4.86
N ILE B 126 -15.44 -28.52 -4.14
CA ILE B 126 -14.19 -28.06 -4.76
C ILE B 126 -13.44 -29.23 -5.42
N ILE B 127 -13.23 -30.30 -4.66
CA ILE B 127 -12.52 -31.49 -5.14
C ILE B 127 -13.09 -32.08 -6.43
N ASN B 128 -14.40 -32.16 -6.54
CA ASN B 128 -15.06 -32.70 -7.72
C ASN B 128 -15.12 -31.75 -8.93
N GLY B 129 -14.63 -30.53 -8.80
CA GLY B 129 -14.70 -29.57 -9.91
C GLY B 129 -16.07 -29.04 -10.27
N GLU B 130 -16.93 -28.88 -9.29
CA GLU B 130 -18.24 -28.26 -9.51
C GLU B 130 -18.01 -26.80 -9.81
N SER B 131 -18.71 -26.25 -10.80
CA SER B 131 -18.65 -24.83 -11.01
C SER B 131 -19.80 -24.14 -10.28
N GLU B 132 -20.74 -24.90 -9.76
CA GLU B 132 -21.96 -24.38 -9.14
C GLU B 132 -22.39 -25.23 -7.94
N THR B 133 -22.65 -24.57 -6.81
CA THR B 133 -23.22 -25.20 -5.61
C THR B 133 -24.30 -24.26 -5.06
N GLY B 134 -24.60 -24.36 -3.79
CA GLY B 134 -25.59 -23.50 -3.17
C GLY B 134 -25.89 -23.98 -1.77
N PHE B 135 -26.94 -23.44 -1.18
CA PHE B 135 -27.44 -23.92 0.09
C PHE B 135 -28.88 -24.35 -0.01
N SER B 136 -29.33 -25.10 1.00
CA SER B 136 -30.67 -25.67 1.04
C SER B 136 -31.19 -25.48 2.45
N TYR B 137 -32.34 -24.80 2.58
CA TYR B 137 -33.11 -24.78 3.82
C TYR B 137 -34.19 -25.82 3.64
N HIS B 138 -34.31 -26.75 4.60
CA HIS B 138 -35.30 -27.82 4.49
C HIS B 138 -35.92 -28.23 5.81
N ARG B 139 -37.21 -28.63 5.77
CA ARG B 139 -37.89 -29.32 6.87
C ARG B 139 -37.18 -30.61 7.21
N MET B 140 -37.06 -30.88 8.50
CA MET B 140 -36.40 -32.08 8.98
C MET B 140 -37.39 -33.20 9.32
N ASP B 141 -36.92 -34.44 9.17
CA ASP B 141 -37.61 -35.58 9.72
C ASP B 141 -36.54 -36.32 10.50
N GLU B 142 -36.71 -37.62 10.75
CA GLU B 142 -35.84 -38.38 11.65
C GLU B 142 -34.48 -38.58 11.05
N ASN B 143 -34.40 -38.50 9.74
CA ASN B 143 -33.14 -38.86 9.07
C ASN B 143 -32.35 -37.62 8.82
N ALA B 144 -31.09 -37.85 8.49
CA ALA B 144 -30.13 -36.79 8.19
C ALA B 144 -30.29 -36.29 6.75
N ASP B 145 -30.39 -34.98 6.57
CA ASP B 145 -30.39 -34.33 5.23
C ASP B 145 -31.62 -34.64 4.36
N THR B 146 -32.70 -35.08 4.99
CA THR B 146 -33.93 -35.45 4.30
C THR B 146 -35.03 -34.43 4.65
N GLY B 147 -35.98 -34.26 3.73
CA GLY B 147 -37.19 -33.50 3.95
C GLY B 147 -37.37 -32.39 2.96
N ALA B 148 -38.57 -31.83 2.94
CA ALA B 148 -39.00 -30.91 1.92
C ALA B 148 -38.20 -29.59 1.90
N ILE B 149 -37.88 -29.13 0.70
CA ILE B 149 -37.12 -27.90 0.50
C ILE B 149 -38.03 -26.67 0.68
N LEU B 150 -37.63 -25.76 1.56
CA LEU B 150 -38.29 -24.47 1.68
C LEU B 150 -37.58 -23.40 0.83
N LEU B 151 -36.26 -23.50 0.72
CA LEU B 151 -35.51 -22.49 -0.01
C LEU B 151 -34.14 -23.02 -0.44
N GLN B 152 -33.87 -22.92 -1.75
CA GLN B 152 -32.55 -23.19 -2.27
C GLN B 152 -32.12 -21.94 -3.00
N GLU B 153 -30.86 -21.57 -2.80
CA GLU B 153 -30.20 -20.51 -3.55
C GLU B 153 -28.87 -21.05 -4.13
N ARG B 154 -28.56 -20.60 -5.33
CA ARG B 154 -27.34 -20.96 -6.02
C ARG B 154 -26.17 -20.09 -5.58
N ILE B 155 -25.02 -20.71 -5.48
CA ILE B 155 -23.75 -20.02 -5.28
C ILE B 155 -22.84 -20.61 -6.33
N SER B 156 -22.13 -19.77 -7.11
CA SER B 156 -21.18 -20.31 -8.05
C SER B 156 -19.86 -20.44 -7.34
N VAL B 157 -19.13 -21.49 -7.69
CA VAL B 157 -17.78 -21.75 -7.21
C VAL B 157 -16.78 -21.13 -8.21
N GLU B 158 -15.74 -20.49 -7.69
CA GLU B 158 -14.77 -19.82 -8.53
C GLU B 158 -13.51 -20.63 -8.59
N GLU B 159 -12.69 -20.31 -9.58
CA GLU B 159 -11.39 -20.92 -9.77
C GLU B 159 -10.49 -20.61 -8.58
N THR B 160 -10.70 -19.45 -7.96
CA THR B 160 -9.88 -19.07 -6.81
C THR B 160 -10.48 -19.44 -5.45
N ASP B 161 -11.65 -20.09 -5.41
CA ASP B 161 -12.30 -20.43 -4.14
C ASP B 161 -11.49 -21.53 -3.47
N THR B 162 -11.46 -21.47 -2.14
CA THR B 162 -10.93 -22.52 -1.30
C THR B 162 -12.09 -23.01 -0.45
N ALA B 163 -11.85 -24.08 0.27
CA ALA B 163 -12.81 -24.52 1.23
C ALA B 163 -13.12 -23.36 2.17
N PHE B 164 -12.10 -22.61 2.56
CA PHE B 164 -12.28 -21.56 3.54
C PHE B 164 -13.22 -20.49 3.02
N SER B 165 -12.96 -20.04 1.81
CA SER B 165 -13.73 -18.95 1.21
C SER B 165 -15.17 -19.36 1.00
N LEU B 166 -15.36 -20.55 0.47
CA LEU B 166 -16.68 -21.05 0.16
C LEU B 166 -17.56 -21.30 1.42
N PHE B 167 -16.99 -21.95 2.42
CA PHE B 167 -17.63 -22.13 3.70
C PHE B 167 -18.18 -20.85 4.31
N HIS B 168 -17.39 -19.78 4.27
CA HIS B 168 -17.80 -18.48 4.79
C HIS B 168 -18.79 -17.78 3.87
N ARG B 169 -18.69 -17.98 2.56
CA ARG B 169 -19.70 -17.40 1.66
C ARG B 169 -21.05 -18.11 1.79
N GLN B 170 -20.99 -19.42 2.00
CA GLN B 170 -22.17 -20.22 2.30
C GLN B 170 -22.92 -19.64 3.50
N ILE B 171 -22.20 -19.27 4.56
CA ILE B 171 -22.85 -18.77 5.78
C ILE B 171 -23.40 -17.39 5.48
N ALA B 172 -22.55 -16.50 5.04
CA ALA B 172 -23.00 -15.13 4.76
C ALA B 172 -24.25 -15.13 3.89
N ARG B 173 -24.15 -15.71 2.71
CA ARG B 173 -25.26 -15.74 1.78
C ARG B 173 -26.53 -16.43 2.33
N ALA B 174 -26.37 -17.49 3.09
CA ALA B 174 -27.51 -18.18 3.68
C ALA B 174 -28.24 -17.32 4.71
N MET B 175 -27.48 -16.62 5.55
CA MET B 175 -28.07 -15.73 6.52
C MET B 175 -28.95 -14.69 5.89
N LEU B 176 -28.63 -14.25 4.67
CA LEU B 176 -29.44 -13.23 4.00
C LEU B 176 -30.83 -13.69 3.57
N ARG B 177 -31.08 -15.00 3.57
CA ARG B 177 -32.41 -15.54 3.25
C ARG B 177 -33.18 -16.05 4.47
N LEU B 178 -32.61 -15.88 5.66
CA LEU B 178 -33.12 -16.51 6.86
C LEU B 178 -34.49 -15.99 7.21
N GLU B 179 -34.63 -14.66 7.24
CA GLU B 179 -35.90 -14.01 7.57
C GLU B 179 -37.03 -14.56 6.70
N GLU B 180 -36.80 -14.57 5.40
CA GLU B 180 -37.72 -15.16 4.45
C GLU B 180 -38.10 -16.60 4.75
N VAL B 181 -37.13 -17.40 5.20
CA VAL B 181 -37.36 -18.82 5.51
C VAL B 181 -38.20 -19.03 6.81
N ILE B 182 -37.89 -18.24 7.82
CA ILE B 182 -38.72 -18.20 9.01
C ILE B 182 -40.19 -17.82 8.66
N LEU B 183 -40.38 -16.88 7.74
CA LEU B 183 -41.72 -16.52 7.31
C LEU B 183 -42.36 -17.64 6.50
N LYS B 184 -41.60 -18.37 5.70
CA LYS B 184 -42.20 -19.55 5.03
C LYS B 184 -42.80 -20.58 6.02
N LEU B 185 -42.11 -20.78 7.14
CA LEU B 185 -42.53 -21.75 8.17
C LEU B 185 -43.69 -21.19 8.93
N ASP B 186 -43.63 -19.88 9.20
CA ASP B 186 -44.73 -19.15 9.80
C ASP B 186 -46.04 -19.37 9.07
N GLN B 187 -45.97 -19.38 7.75
CA GLN B 187 -47.14 -19.48 6.87
C GLN B 187 -47.50 -20.89 6.45
N GLY B 188 -46.80 -21.89 6.97
CA GLY B 188 -47.15 -23.29 6.70
C GLY B 188 -46.76 -23.80 5.33
N ASP B 189 -45.78 -23.16 4.69
CA ASP B 189 -45.29 -23.62 3.37
C ASP B 189 -44.86 -25.05 3.53
N PRO B 190 -45.37 -25.95 2.70
CA PRO B 190 -44.98 -27.35 2.94
C PRO B 190 -43.58 -27.63 2.43
N GLY B 191 -43.09 -26.75 1.54
CA GLY B 191 -41.88 -27.00 0.79
C GLY B 191 -42.13 -28.08 -0.25
N PHE B 192 -41.11 -28.41 -1.05
CA PHE B 192 -41.27 -29.35 -2.15
C PHE B 192 -40.30 -30.52 -1.99
N ALA B 193 -40.73 -31.74 -2.29
CA ALA B 193 -39.88 -32.94 -2.25
C ALA B 193 -38.54 -32.76 -2.99
N GLN B 194 -37.51 -33.42 -2.47
CA GLN B 194 -36.15 -33.34 -3.03
C GLN B 194 -36.15 -34.05 -4.39
N LEU B 195 -35.42 -33.49 -5.35
CA LEU B 195 -35.36 -33.99 -6.73
C LEU B 195 -33.93 -34.01 -7.25
N GLY B 196 -33.67 -34.88 -8.23
CA GLY B 196 -32.37 -35.09 -8.83
C GLY B 196 -31.57 -36.21 -8.21
N GLU B 197 -30.36 -36.38 -8.73
CA GLU B 197 -29.39 -37.38 -8.23
C GLU B 197 -28.90 -37.02 -6.85
N ALA B 198 -29.11 -37.91 -5.88
CA ALA B 198 -28.49 -37.79 -4.55
C ALA B 198 -27.02 -38.16 -4.61
N SER B 199 -26.20 -37.55 -3.76
CA SER B 199 -24.87 -38.08 -3.48
C SER B 199 -24.56 -37.85 -2.01
N TYR B 200 -23.55 -38.52 -1.49
CA TYR B 200 -23.20 -38.47 -0.08
C TYR B 200 -21.70 -38.64 0.18
N TYR B 201 -21.21 -37.93 1.20
CA TYR B 201 -19.81 -37.99 1.64
C TYR B 201 -19.68 -38.00 3.15
N ALA B 202 -18.76 -38.83 3.66
CA ALA B 202 -18.65 -39.17 5.09
C ALA B 202 -17.78 -38.18 5.84
N ARG B 203 -17.66 -38.39 7.16
CA ARG B 203 -17.11 -37.33 8.03
C ARG B 203 -15.61 -37.15 7.87
N GLU B 204 -14.88 -38.19 7.48
CA GLU B 204 -13.40 -38.15 7.55
C GLU B 204 -12.85 -37.35 6.38
N LEU B 205 -11.77 -36.64 6.67
CA LEU B 205 -11.15 -35.67 5.74
C LEU B 205 -10.71 -36.30 4.40
N PRO B 206 -11.12 -35.71 3.24
CA PRO B 206 -10.88 -36.33 1.94
C PRO B 206 -9.42 -36.77 1.67
N PHE B 207 -9.24 -38.08 1.50
CA PHE B 207 -7.93 -38.73 1.34
C PHE B 207 -6.92 -38.39 2.44
N GLY B 208 -7.44 -38.20 3.66
CA GLY B 208 -6.62 -37.95 4.83
C GLY B 208 -5.76 -36.73 4.71
N GLY B 209 -6.16 -35.77 3.89
CA GLY B 209 -5.38 -34.57 3.68
C GLY B 209 -4.14 -34.72 2.84
N VAL B 210 -4.03 -35.82 2.10
CA VAL B 210 -2.80 -36.16 1.39
C VAL B 210 -3.01 -36.13 -0.12
N ILE B 211 -2.14 -35.41 -0.82
CA ILE B 211 -2.06 -35.46 -2.26
C ILE B 211 -1.50 -36.81 -2.69
N ASP B 212 -2.16 -37.41 -3.68
CA ASP B 212 -1.59 -38.49 -4.44
C ASP B 212 -0.92 -37.86 -5.67
N PRO B 213 0.42 -38.04 -5.78
CA PRO B 213 1.17 -37.32 -6.82
C PRO B 213 0.82 -37.78 -8.24
N ARG B 214 0.28 -38.99 -8.33
CA ARG B 214 -0.22 -39.52 -9.60
C ARG B 214 -1.52 -38.88 -10.14
N TRP B 215 -2.20 -38.00 -9.37
CA TRP B 215 -3.36 -37.22 -9.89
C TRP B 215 -2.84 -36.20 -10.89
N SER B 216 -3.74 -35.73 -11.76
CA SER B 216 -3.39 -34.65 -12.69
C SER B 216 -3.22 -33.32 -11.96
N GLU B 217 -2.59 -32.38 -12.64
CA GLU B 217 -2.33 -31.04 -12.10
C GLU B 217 -3.65 -30.40 -11.64
N VAL B 218 -4.70 -30.56 -12.45
CA VAL B 218 -6.01 -29.95 -12.20
C VAL B 218 -6.71 -30.55 -10.97
N GLN B 219 -6.55 -31.85 -10.75
CA GLN B 219 -7.10 -32.49 -9.54
C GLN B 219 -6.34 -32.06 -8.29
N ILE B 220 -5.02 -32.06 -8.39
CA ILE B 220 -4.17 -31.54 -7.32
C ILE B 220 -4.49 -30.07 -7.06
N ASP B 221 -4.74 -29.30 -8.10
CA ASP B 221 -5.09 -27.88 -7.88
C ASP B 221 -6.30 -27.78 -6.94
N ARG B 222 -7.32 -28.55 -7.30
CA ARG B 222 -8.56 -28.58 -6.58
C ARG B 222 -8.40 -29.05 -5.16
N PHE B 223 -7.62 -30.10 -4.98
CA PHE B 223 -7.42 -30.67 -3.66
C PHE B 223 -6.69 -29.70 -2.73
N ILE B 224 -5.69 -29.00 -3.24
CA ILE B 224 -4.99 -28.01 -2.42
C ILE B 224 -5.97 -26.90 -1.94
N ARG B 225 -6.89 -26.49 -2.79
CA ARG B 225 -7.86 -25.48 -2.45
C ARG B 225 -8.86 -26.00 -1.43
N ALA B 226 -9.29 -27.25 -1.58
CA ALA B 226 -10.25 -27.83 -0.67
C ALA B 226 -9.69 -28.11 0.73
N MET B 227 -8.36 -28.24 0.82
CA MET B 227 -7.69 -28.41 2.12
C MET B 227 -7.28 -27.13 2.81
N PHE B 228 -7.34 -25.98 2.10
CA PHE B 228 -7.01 -24.67 2.68
C PHE B 228 -8.13 -24.19 3.63
N PHE B 229 -7.85 -24.25 4.93
CA PHE B 229 -8.85 -23.86 5.91
C PHE B 229 -8.15 -23.53 7.22
N PRO B 230 -7.70 -22.28 7.39
CA PRO B 230 -6.93 -22.00 8.61
C PRO B 230 -7.80 -22.18 9.85
N PRO B 231 -7.24 -22.57 11.00
CA PRO B 231 -5.80 -22.81 11.22
C PRO B 231 -5.33 -24.25 10.94
N PHE B 232 -6.16 -25.04 10.27
CA PHE B 232 -5.78 -26.40 9.91
C PHE B 232 -4.61 -26.40 8.91
N PRO B 233 -3.74 -27.43 9.00
CA PRO B 233 -2.68 -27.63 8.01
C PRO B 233 -3.18 -27.85 6.60
N PRO B 234 -2.44 -27.36 5.61
CA PRO B 234 -2.82 -27.50 4.23
C PRO B 234 -2.60 -28.93 3.69
N ALA B 235 -2.78 -29.09 2.39
CA ALA B 235 -2.60 -30.37 1.74
C ALA B 235 -1.15 -30.82 1.91
N VAL B 236 -0.95 -32.13 1.93
CA VAL B 236 0.39 -32.75 2.04
C VAL B 236 0.78 -33.45 0.73
N LEU B 237 2.00 -33.19 0.26
CA LEU B 237 2.66 -33.96 -0.80
C LEU B 237 3.82 -34.80 -0.23
N LYS B 238 3.93 -36.06 -0.62
CA LYS B 238 5.10 -36.88 -0.28
C LYS B 238 6.03 -37.02 -1.49
N ILE B 239 7.27 -36.53 -1.33
CA ILE B 239 8.31 -36.62 -2.36
C ILE B 239 9.49 -37.44 -1.79
N ASP B 240 9.71 -38.64 -2.37
CA ASP B 240 10.78 -39.60 -1.95
C ASP B 240 10.55 -40.12 -0.54
N GLY B 241 9.31 -40.55 -0.25
CA GLY B 241 8.87 -40.94 1.11
C GLY B 241 9.10 -39.93 2.24
N LYS B 242 9.12 -38.64 1.88
CA LYS B 242 9.49 -37.56 2.78
C LYS B 242 8.38 -36.51 2.64
N VAL B 243 7.73 -36.18 3.76
CA VAL B 243 6.49 -35.37 3.79
C VAL B 243 6.76 -33.86 3.68
N TYR B 244 5.95 -33.17 2.86
CA TYR B 244 6.04 -31.71 2.67
C TYR B 244 4.65 -31.11 2.74
N TYR B 245 4.53 -30.00 3.47
CA TYR B 245 3.35 -29.14 3.40
C TYR B 245 3.41 -28.26 2.13
N VAL B 246 2.34 -28.27 1.34
CA VAL B 246 2.27 -27.41 0.16
C VAL B 246 2.08 -25.95 0.55
N PRO B 247 2.53 -25.04 -0.33
CA PRO B 247 2.21 -23.61 -0.10
C PRO B 247 0.74 -23.30 -0.38
N SER B 248 0.42 -22.01 -0.37
CA SER B 248 -0.87 -21.52 -0.89
C SER B 248 -0.92 -21.71 -2.42
N ILE B 249 -2.03 -22.20 -2.98
CA ILE B 249 -2.17 -22.27 -4.47
C ILE B 249 -1.55 -21.10 -5.27
N ASP B 250 -1.60 -19.87 -4.74
CA ASP B 250 -0.90 -18.71 -5.32
C ASP B 250 0.50 -19.13 -5.78
N ILE B 251 1.27 -19.60 -4.82
CA ILE B 251 2.64 -20.04 -5.06
C ILE B 251 2.66 -21.41 -5.81
N TYR B 252 1.74 -22.33 -5.49
CA TYR B 252 1.59 -23.57 -6.26
C TYR B 252 1.40 -23.30 -7.74
N ARG B 253 0.67 -22.25 -8.08
CA ARG B 253 0.31 -22.01 -9.49
C ARG B 253 1.50 -21.52 -10.35
N SER B 254 2.46 -20.84 -9.71
CA SER B 254 3.83 -20.67 -10.27
C SER B 254 4.78 -21.83 -9.91
N ALA C 4 12.46 -5.77 -15.04
CA ALA C 4 11.62 -4.53 -14.89
C ALA C 4 11.06 -4.47 -13.46
N ILE C 5 10.98 -3.26 -12.91
CA ILE C 5 10.43 -3.10 -11.60
C ILE C 5 8.93 -3.47 -11.68
N ALA C 6 8.40 -4.06 -10.60
CA ALA C 6 6.99 -4.35 -10.52
C ALA C 6 6.20 -3.05 -10.64
N PRO C 7 5.12 -3.06 -11.44
CA PRO C 7 4.33 -1.85 -11.60
C PRO C 7 3.60 -1.55 -10.30
N ASN C 8 3.23 -0.29 -10.10
CA ASN C 8 2.65 0.18 -8.82
C ASN C 8 3.54 -0.05 -7.60
N THR C 9 4.85 -0.08 -7.80
CA THR C 9 5.78 -0.13 -6.67
C THR C 9 5.94 1.29 -6.16
N ARG C 10 5.85 1.44 -4.86
CA ARG C 10 5.93 2.73 -4.19
C ARG C 10 7.31 2.79 -3.56
N VAL C 11 8.07 3.82 -3.91
CA VAL C 11 9.42 4.02 -3.42
C VAL C 11 9.59 5.34 -2.67
N LEU C 12 10.02 5.24 -1.42
CA LEU C 12 10.45 6.42 -0.64
C LEU C 12 11.99 6.60 -0.67
N VAL C 13 12.44 7.73 -1.15
CA VAL C 13 13.84 8.10 -1.16
C VAL C 13 14.12 9.06 -0.01
N ALA C 14 14.88 8.59 0.96
CA ALA C 14 15.44 9.44 2.01
C ALA C 14 16.81 9.86 1.53
N GLY C 15 17.01 11.14 1.26
CA GLY C 15 18.23 11.53 0.65
C GLY C 15 18.51 12.99 0.56
N TYR C 16 19.64 13.30 -0.07
CA TYR C 16 20.22 14.63 0.01
C TYR C 16 21.15 14.84 -1.16
N GLY C 17 21.02 15.98 -1.85
CA GLY C 17 21.89 16.27 -2.93
C GLY C 17 21.80 15.37 -4.16
N LEU C 18 22.79 15.53 -5.02
CA LEU C 18 22.83 14.84 -6.29
C LEU C 18 22.46 13.32 -6.28
N PRO C 19 23.03 12.54 -5.36
CA PRO C 19 22.71 11.10 -5.39
C PRO C 19 21.19 10.84 -5.31
N ALA C 20 20.54 11.64 -4.48
CA ALA C 20 19.10 11.56 -4.36
C ALA C 20 18.40 12.07 -5.60
N GLU C 21 18.90 13.14 -6.20
CA GLU C 21 18.33 13.64 -7.46
C GLU C 21 18.53 12.63 -8.58
N PHE C 22 19.73 12.10 -8.69
CA PHE C 22 19.97 10.99 -9.60
C PHE C 22 19.12 9.74 -9.32
N CYS C 23 18.90 9.42 -8.05
CA CYS C 23 18.09 8.24 -7.71
C CYS C 23 16.65 8.43 -8.13
N VAL C 24 16.10 9.62 -7.84
CA VAL C 24 14.76 9.94 -8.31
C VAL C 24 14.67 9.88 -9.85
N THR C 25 15.67 10.39 -10.52
CA THR C 25 15.73 10.37 -11.94
C THR C 25 15.70 8.93 -12.48
N THR C 26 16.54 8.10 -11.89
CA THR C 26 16.62 6.70 -12.20
C THR C 26 15.27 5.99 -12.00
N LEU C 27 14.59 6.24 -10.88
CA LEU C 27 13.31 5.59 -10.62
C LEU C 27 12.25 5.93 -11.71
N ILE C 28 12.16 7.21 -12.05
CA ILE C 28 11.27 7.67 -13.12
C ILE C 28 11.59 6.93 -14.42
N GLY C 29 12.87 6.87 -14.75
CA GLY C 29 13.35 6.14 -15.91
C GLY C 29 12.97 4.69 -15.92
N MET C 30 12.89 4.10 -14.72
CA MET C 30 12.42 2.71 -14.49
C MET C 30 10.89 2.50 -14.53
N GLY C 31 10.12 3.55 -14.71
CA GLY C 31 8.67 3.42 -14.82
C GLY C 31 7.89 3.80 -13.57
N VAL C 32 8.55 4.08 -12.44
CA VAL C 32 7.83 4.46 -11.23
C VAL C 32 7.21 5.84 -11.45
N GLU C 33 5.89 5.92 -11.37
CA GLU C 33 5.17 7.20 -11.60
C GLU C 33 5.39 8.15 -10.42
N ILE C 34 5.25 9.44 -10.68
CA ILE C 34 5.52 10.47 -9.70
C ILE C 34 4.80 10.21 -8.39
N ASP C 35 3.50 9.87 -8.49
CA ASP C 35 2.68 9.71 -7.32
C ASP C 35 2.96 8.42 -6.53
N LYS C 36 3.98 7.67 -6.99
CA LYS C 36 4.51 6.50 -6.34
C LYS C 36 6.00 6.66 -5.94
N ILE C 37 6.42 7.92 -5.84
CA ILE C 37 7.69 8.33 -5.28
C ILE C 37 7.39 9.34 -4.16
N ALA C 38 8.09 9.18 -3.05
CA ALA C 38 8.13 10.22 -2.02
C ALA C 38 9.56 10.45 -1.59
N VAL C 39 9.82 11.67 -1.14
CA VAL C 39 11.15 12.06 -0.73
C VAL C 39 11.15 12.64 0.68
N ALA C 40 12.05 12.13 1.50
CA ALA C 40 12.37 12.69 2.79
C ALA C 40 13.74 13.24 2.64
N THR C 41 13.91 14.53 2.95
CA THR C 41 15.21 15.21 2.85
C THR C 41 15.37 16.27 3.94
N HIS C 42 16.39 17.12 3.78
CA HIS C 42 16.69 18.19 4.73
C HIS C 42 16.41 19.49 4.08
N ARG C 43 16.58 20.58 4.84
CA ARG C 43 16.36 21.93 4.36
C ARG C 43 17.21 22.17 3.11
N GLU C 44 16.66 22.94 2.17
CA GLU C 44 17.42 23.41 1.00
C GLU C 44 18.67 24.19 1.42
N ASP C 45 19.80 23.70 0.94
CA ASP C 45 21.06 24.39 1.19
C ASP C 45 21.87 24.34 -0.13
N ASN C 46 23.15 24.71 -0.09
CA ASN C 46 23.96 24.72 -1.29
C ASN C 46 24.27 23.37 -1.90
N ARG C 47 23.99 22.27 -1.21
CA ARG C 47 24.14 20.96 -1.80
C ARG C 47 22.81 20.33 -2.14
N ASN C 48 21.69 20.84 -1.63
CA ASN C 48 20.39 20.17 -1.77
C ASN C 48 19.43 20.95 -2.67
N CYS C 49 19.91 21.99 -3.33
CA CYS C 49 18.94 22.77 -4.13
C CYS C 49 18.59 22.07 -5.44
N GLY C 50 19.46 21.20 -5.93
CA GLY C 50 19.12 20.37 -7.08
C GLY C 50 17.91 19.54 -6.79
N LEU C 51 17.98 18.86 -5.65
CA LEU C 51 16.90 17.95 -5.28
C LEU C 51 15.59 18.68 -5.04
N HIS C 52 15.61 19.73 -4.23
CA HIS C 52 14.39 20.46 -3.93
C HIS C 52 13.80 21.07 -5.16
N SER C 53 14.61 21.61 -6.04
CA SER C 53 14.00 22.20 -7.23
C SER C 53 13.24 21.13 -8.09
N MET C 54 13.73 19.88 -8.08
CA MET C 54 13.12 18.79 -8.84
C MET C 54 11.78 18.41 -8.24
N LEU C 55 11.77 18.32 -6.91
CA LEU C 55 10.56 17.99 -6.16
C LEU C 55 9.47 19.04 -6.37
N ARG C 56 9.83 20.31 -6.44
CA ARG C 56 8.86 21.36 -6.73
C ARG C 56 8.33 21.36 -8.19
N LEU C 57 9.21 21.17 -9.15
CA LEU C 57 8.84 21.24 -10.55
C LEU C 57 7.96 20.05 -10.91
N ARG C 58 8.31 18.89 -10.39
CA ARG C 58 7.50 17.70 -10.63
C ARG C 58 6.40 17.36 -9.62
N ASN C 59 6.18 18.20 -8.59
CA ASN C 59 5.18 17.89 -7.53
C ASN C 59 5.37 16.51 -6.86
N ILE C 60 6.60 16.13 -6.61
CA ILE C 60 6.87 14.92 -5.86
C ILE C 60 6.73 15.25 -4.35
N GLN C 61 5.92 14.46 -3.65
CA GLN C 61 5.62 14.72 -2.25
C GLN C 61 6.89 14.55 -1.45
N PHE C 62 7.10 15.45 -0.49
CA PHE C 62 8.31 15.41 0.34
C PHE C 62 8.10 15.99 1.73
N THR C 63 8.98 15.61 2.64
CA THR C 63 9.05 16.22 3.96
C THR C 63 10.51 16.59 4.23
N THR C 64 10.71 17.64 5.02
CA THR C 64 12.03 17.84 5.67
C THR C 64 12.00 17.63 7.19
N ALA C 65 10.96 16.97 7.68
CA ALA C 65 10.80 16.77 9.12
C ALA C 65 11.91 15.86 9.61
N ALA C 66 12.26 16.04 10.87
CA ALA C 66 13.36 15.31 11.48
C ALA C 66 13.02 13.84 11.54
N ALA C 67 14.01 12.98 11.35
CA ALA C 67 13.81 11.54 11.28
C ALA C 67 13.23 10.91 12.52
N ASN C 68 13.40 11.59 13.66
CA ASN C 68 12.82 11.13 14.90
C ASN C 68 11.41 11.68 15.21
N SER C 69 10.87 12.52 14.35
CA SER C 69 9.57 13.16 14.60
C SER C 69 8.39 12.29 14.21
N GLU C 70 7.24 12.58 14.84
CA GLU C 70 5.97 11.94 14.47
C GLU C 70 5.51 12.38 13.10
N GLU C 71 5.85 13.60 12.70
CA GLU C 71 5.49 14.12 11.37
C GLU C 71 6.18 13.30 10.25
N PHE C 72 7.48 13.05 10.41
CA PHE C 72 8.26 12.13 9.54
C PHE C 72 7.67 10.71 9.51
N TYR C 73 7.23 10.19 10.67
CA TYR C 73 6.62 8.86 10.72
C TYR C 73 5.30 8.84 9.94
N GLU C 74 4.53 9.88 10.18
CA GLU C 74 3.29 10.05 9.45
C GLU C 74 3.49 10.08 7.95
N PHE C 75 4.52 10.82 7.52
CA PHE C 75 4.76 11.04 6.10
C PHE C 75 4.96 9.68 5.43
N GLY C 76 5.75 8.84 6.08
CA GLY C 76 5.99 7.49 5.62
C GLY C 76 4.77 6.63 5.71
N ALA C 77 4.01 6.72 6.80
CA ALA C 77 2.79 5.94 6.96
C ALA C 77 1.75 6.26 5.89
N ASN C 78 1.48 7.53 5.69
CA ASN C 78 0.53 7.90 4.65
C ASN C 78 0.99 7.44 3.27
N PHE C 79 2.28 7.60 2.94
CA PHE C 79 2.73 7.21 1.61
C PHE C 79 2.70 5.69 1.38
N ALA C 80 3.11 4.94 2.39
CA ALA C 80 3.04 3.47 2.41
C ALA C 80 4.00 2.84 1.40
N PRO C 81 5.29 3.02 1.63
CA PRO C 81 6.29 2.52 0.70
C PRO C 81 6.37 1.01 0.63
N ASP C 82 6.67 0.48 -0.55
CA ASP C 82 7.13 -0.90 -0.66
C ASP C 82 8.59 -1.00 -0.28
N MET C 83 9.37 0.01 -0.65
CA MET C 83 10.79 0.06 -0.38
C MET C 83 11.31 1.46 -0.10
N ILE C 84 12.34 1.53 0.73
CA ILE C 84 12.98 2.79 1.10
C ILE C 84 14.42 2.81 0.59
N ILE C 85 14.84 3.92 0.04
CA ILE C 85 16.24 4.07 -0.38
C ILE C 85 16.78 5.25 0.34
N SER C 86 17.91 5.04 0.98
CA SER C 86 18.65 6.13 1.64
C SER C 86 19.81 6.49 0.73
N MET C 87 19.85 7.75 0.30
CA MET C 87 20.84 8.24 -0.61
C MET C 87 21.46 9.45 0.05
N HIS C 88 22.44 9.19 0.92
CA HIS C 88 23.15 10.27 1.64
C HIS C 88 22.26 11.06 2.62
N TYR C 89 21.23 10.39 3.15
CA TYR C 89 20.35 10.97 4.14
C TYR C 89 21.26 11.15 5.34
N ARG C 90 21.01 12.15 6.14
CA ARG C 90 21.97 12.57 7.17
C ARG C 90 21.47 12.32 8.61
N SER C 91 20.40 11.57 8.79
CA SER C 91 19.91 11.23 10.09
C SER C 91 19.60 9.77 10.14
N LEU C 92 19.78 9.24 11.32
CA LEU C 92 19.40 7.89 11.60
C LEU C 92 17.88 7.76 11.49
N ILE C 93 17.45 6.71 10.84
CA ILE C 93 16.06 6.50 10.48
C ILE C 93 15.59 5.42 11.44
N PRO C 94 14.54 5.68 12.19
CA PRO C 94 14.13 4.69 13.19
C PRO C 94 13.69 3.39 12.59
N GLY C 95 13.83 2.34 13.37
CA GLY C 95 13.32 1.03 13.00
C GLY C 95 11.82 0.99 12.74
N ARG C 96 11.05 1.76 13.49
CA ARG C 96 9.60 1.72 13.25
C ARG C 96 9.29 2.24 11.84
N PHE C 97 10.13 3.11 11.29
CA PHE C 97 9.94 3.65 9.95
C PHE C 97 10.36 2.66 8.86
N LEU C 98 11.51 2.03 9.05
CA LEU C 98 11.96 1.01 8.09
C LEU C 98 10.98 -0.12 7.99
N LYS C 99 10.36 -0.45 9.13
CA LYS C 99 9.33 -1.45 9.18
C LYS C 99 8.14 -1.18 8.23
N LEU C 100 7.79 0.10 7.97
CA LEU C 100 6.75 0.46 6.97
C LEU C 100 7.00 -0.08 5.55
N ALA C 101 8.25 -0.30 5.18
CA ALA C 101 8.50 -0.83 3.86
C ALA C 101 8.50 -2.34 3.85
N LYS C 102 7.64 -2.86 3.02
CA LYS C 102 7.31 -4.28 2.91
C LYS C 102 8.54 -4.99 2.43
N LYS C 103 9.14 -4.46 1.38
CA LYS C 103 10.35 -5.01 0.82
C LYS C 103 11.64 -4.52 1.48
N GLY C 104 11.55 -3.80 2.59
CA GLY C 104 12.75 -3.32 3.28
C GLY C 104 13.37 -2.15 2.55
N SER C 105 14.68 -2.01 2.67
CA SER C 105 15.36 -0.79 2.32
C SER C 105 16.80 -1.04 1.98
N VAL C 106 17.45 -0.02 1.46
CA VAL C 106 18.89 -0.04 1.14
C VAL C 106 19.51 1.33 1.37
N ASN C 107 20.79 1.33 1.70
CA ASN C 107 21.57 2.55 1.92
C ASN C 107 22.94 2.44 1.28
N LEU C 108 23.48 3.57 0.85
CA LEU C 108 24.78 3.64 0.17
C LEU C 108 25.85 4.20 1.12
N HIS C 109 26.92 3.45 1.38
CA HIS C 109 28.00 3.94 2.24
C HIS C 109 29.34 3.78 1.51
N PRO C 110 30.15 4.85 1.48
CA PRO C 110 31.37 4.87 0.70
C PRO C 110 32.56 4.21 1.41
N SER C 111 32.36 2.96 1.82
CA SER C 111 33.43 2.12 2.35
C SER C 111 33.12 0.68 2.08
N LEU C 112 34.13 -0.15 2.31
CA LEU C 112 33.91 -1.60 2.35
C LEU C 112 33.53 -2.03 3.78
N LEU C 113 32.24 -1.88 4.06
CA LEU C 113 31.69 -2.20 5.36
C LEU C 113 32.00 -3.66 5.66
N PRO C 114 32.26 -4.01 6.92
CA PRO C 114 32.13 -3.12 8.08
C PRO C 114 33.35 -2.25 8.39
N ALA C 115 34.38 -2.20 7.54
CA ALA C 115 35.39 -1.17 7.69
C ALA C 115 34.81 0.19 7.38
N TYR C 116 35.20 1.14 8.23
CA TYR C 116 34.98 2.56 8.08
C TYR C 116 33.52 2.90 8.23
N ARG C 117 32.92 2.36 9.29
CA ARG C 117 31.62 2.80 9.71
C ARG C 117 31.77 4.27 10.09
N GLY C 118 30.64 4.97 10.25
CA GLY C 118 30.67 6.37 10.69
C GLY C 118 30.86 7.34 9.54
N THR C 119 31.62 8.40 9.78
CA THR C 119 31.64 9.53 8.85
C THR C 119 33.09 9.81 8.45
N ASN C 120 33.29 10.69 7.46
CA ASN C 120 34.63 11.04 6.99
C ASN C 120 35.42 9.78 6.56
N SER C 121 34.69 8.79 6.06
CA SER C 121 35.34 7.57 5.59
C SER C 121 36.43 7.87 4.59
N VAL C 122 36.15 8.71 3.58
CA VAL C 122 37.13 8.90 2.50
C VAL C 122 38.42 9.55 3.04
N ALA C 123 38.27 10.47 3.99
CA ALA C 123 39.45 11.01 4.66
C ALA C 123 40.27 9.94 5.37
N TRP C 124 39.62 9.08 6.15
CA TRP C 124 40.33 8.06 6.94
C TRP C 124 40.92 7.01 6.06
N VAL C 125 40.26 6.73 4.96
CA VAL C 125 40.81 5.82 3.96
C VAL C 125 42.15 6.34 3.44
N ILE C 126 42.25 7.66 3.21
CA ILE C 126 43.50 8.25 2.73
C ILE C 126 44.52 8.30 3.87
N ILE C 127 44.10 8.79 5.03
CA ILE C 127 44.98 8.87 6.18
C ILE C 127 45.66 7.53 6.50
N ASN C 128 44.90 6.44 6.45
CA ASN C 128 45.50 5.10 6.67
C ASN C 128 46.16 4.53 5.47
N GLY C 129 46.06 5.20 4.33
CA GLY C 129 46.76 4.75 3.16
C GLY C 129 46.30 3.40 2.64
N GLU C 130 44.98 3.23 2.54
CA GLU C 130 44.43 2.10 1.81
C GLU C 130 44.79 2.33 0.35
N SER C 131 45.20 1.28 -0.32
CA SER C 131 45.42 1.28 -1.76
C SER C 131 44.12 0.93 -2.50
N GLU C 132 43.14 0.38 -1.77
CA GLU C 132 41.87 -0.01 -2.35
C GLU C 132 40.76 0.25 -1.34
N THR C 133 39.66 0.82 -1.78
CA THR C 133 38.50 1.06 -0.91
C THR C 133 37.32 0.57 -1.71
N GLY C 134 36.12 1.00 -1.40
CA GLY C 134 34.95 0.59 -2.18
C GLY C 134 33.69 1.20 -1.66
N PHE C 135 32.55 0.78 -2.22
CA PHE C 135 31.23 1.24 -1.72
C PHE C 135 30.33 0.04 -1.39
N SER C 136 29.39 0.25 -0.47
CA SER C 136 28.46 -0.80 -0.06
C SER C 136 27.03 -0.25 -0.10
N TYR C 137 26.17 -1.02 -0.76
CA TYR C 137 24.74 -0.82 -0.70
C TYR C 137 24.18 -1.91 0.25
N HIS C 138 23.59 -1.49 1.36
CA HIS C 138 23.18 -2.46 2.36
C HIS C 138 21.77 -2.18 2.86
N ARG C 139 21.05 -3.27 3.19
CA ARG C 139 19.74 -3.19 3.89
C ARG C 139 19.92 -2.52 5.23
N MET C 140 18.95 -1.74 5.66
CA MET C 140 19.09 -1.03 6.90
C MET C 140 18.44 -1.79 8.03
N ASP C 141 18.94 -1.60 9.25
CA ASP C 141 18.28 -2.01 10.49
C ASP C 141 18.34 -0.83 11.46
N GLU C 142 18.15 -1.05 12.76
CA GLU C 142 17.91 0.05 13.71
C GLU C 142 19.19 0.83 14.01
N ASN C 143 20.34 0.21 13.76
CA ASN C 143 21.63 0.85 13.94
C ASN C 143 22.20 1.42 12.65
N ALA C 144 23.24 2.23 12.81
CA ALA C 144 23.98 2.81 11.70
C ALA C 144 24.91 1.81 11.03
N ASP C 145 24.88 1.77 9.71
CA ASP C 145 25.88 1.06 8.88
C ASP C 145 25.80 -0.44 8.89
N THR C 146 24.88 -1.00 9.64
CA THR C 146 24.67 -2.45 9.71
C THR C 146 23.57 -2.90 8.74
N GLY C 147 23.54 -4.20 8.47
CA GLY C 147 22.56 -4.78 7.57
C GLY C 147 23.24 -5.57 6.51
N ALA C 148 22.50 -6.45 5.85
CA ALA C 148 23.12 -7.31 4.83
C ALA C 148 23.47 -6.48 3.61
N ILE C 149 24.54 -6.89 2.93
CA ILE C 149 25.08 -6.21 1.76
C ILE C 149 24.36 -6.74 0.52
N LEU C 150 23.72 -5.85 -0.21
CA LEU C 150 23.20 -6.16 -1.55
C LEU C 150 24.25 -6.07 -2.64
N LEU C 151 25.13 -5.09 -2.55
CA LEU C 151 26.23 -5.00 -3.51
C LEU C 151 27.36 -4.23 -2.92
N GLN C 152 28.56 -4.72 -3.21
CA GLN C 152 29.81 -4.09 -2.80
C GLN C 152 30.79 -4.10 -3.96
N GLU C 153 31.38 -2.96 -4.28
CA GLU C 153 32.31 -2.86 -5.39
C GLU C 153 33.56 -2.14 -4.91
N ARG C 154 34.71 -2.59 -5.39
CA ARG C 154 35.99 -1.96 -5.07
C ARG C 154 36.34 -0.75 -5.95
N ILE C 155 37.12 0.16 -5.40
CA ILE C 155 37.62 1.34 -6.07
C ILE C 155 39.09 1.54 -5.67
N SER C 156 39.96 1.66 -6.66
CA SER C 156 41.38 1.96 -6.40
C SER C 156 41.54 3.32 -5.78
N VAL C 157 42.52 3.38 -4.90
CA VAL C 157 42.96 4.62 -4.32
C VAL C 157 44.30 4.97 -4.95
N GLU C 158 44.34 6.12 -5.60
CA GLU C 158 45.56 6.64 -6.22
C GLU C 158 46.39 7.42 -5.21
N GLU C 159 47.72 7.42 -5.42
CA GLU C 159 48.70 8.24 -4.64
C GLU C 159 48.38 9.72 -4.65
N THR C 160 47.71 10.16 -5.71
CA THR C 160 47.28 11.56 -5.88
C THR C 160 45.84 11.89 -5.47
N ASP C 161 45.03 10.92 -5.06
CA ASP C 161 43.67 11.21 -4.57
C ASP C 161 43.65 12.09 -3.34
N THR C 162 42.61 12.89 -3.25
CA THR C 162 42.31 13.71 -2.10
C THR C 162 40.95 13.24 -1.55
N ALA C 163 40.55 13.76 -0.39
CA ALA C 163 39.20 13.48 0.04
C ALA C 163 38.22 13.87 -1.08
N PHE C 164 38.45 15.03 -1.67
CA PHE C 164 37.56 15.64 -2.65
C PHE C 164 37.45 14.72 -3.87
N SER C 165 38.56 14.32 -4.43
CA SER C 165 38.50 13.41 -5.58
C SER C 165 37.80 12.08 -5.21
N LEU C 166 38.20 11.43 -4.12
CA LEU C 166 37.60 10.14 -3.75
C LEU C 166 36.12 10.24 -3.44
N PHE C 167 35.75 11.36 -2.84
CA PHE C 167 34.37 11.63 -2.52
C PHE C 167 33.46 11.68 -3.76
N HIS C 168 33.91 12.34 -4.81
CA HIS C 168 33.12 12.48 -6.02
C HIS C 168 33.16 11.22 -6.87
N ARG C 169 34.32 10.56 -6.91
CA ARG C 169 34.40 9.24 -7.52
C ARG C 169 33.51 8.20 -6.84
N GLN C 170 33.36 8.27 -5.52
CA GLN C 170 32.47 7.35 -4.77
C GLN C 170 31.03 7.49 -5.26
N ILE C 171 30.55 8.73 -5.26
CA ILE C 171 29.23 9.07 -5.79
C ILE C 171 29.05 8.55 -7.22
N ALA C 172 29.98 8.92 -8.10
CA ALA C 172 29.85 8.61 -9.52
C ALA C 172 29.85 7.11 -9.84
N ARG C 173 30.77 6.36 -9.25
CA ARG C 173 30.87 4.92 -9.47
C ARG C 173 29.67 4.19 -8.84
N ALA C 174 29.25 4.65 -7.66
CA ALA C 174 28.09 4.06 -6.98
C ALA C 174 26.77 4.26 -7.77
N MET C 175 26.62 5.42 -8.40
CA MET C 175 25.42 5.63 -9.23
C MET C 175 25.38 4.67 -10.43
N LEU C 176 26.54 4.17 -10.89
CA LEU C 176 26.52 3.13 -11.97
C LEU C 176 25.83 1.83 -11.58
N ARG C 177 25.76 1.53 -10.29
CA ARG C 177 25.15 0.29 -9.84
C ARG C 177 23.77 0.46 -9.21
N LEU C 178 23.30 1.71 -9.10
CA LEU C 178 22.03 2.02 -8.45
C LEU C 178 20.84 1.30 -9.04
N GLU C 179 20.70 1.33 -10.35
CA GLU C 179 19.55 0.67 -10.98
C GLU C 179 19.52 -0.84 -10.64
N GLU C 180 20.68 -1.46 -10.80
CA GLU C 180 20.88 -2.87 -10.42
C GLU C 180 20.45 -3.21 -8.95
N VAL C 181 20.81 -2.33 -8.02
CA VAL C 181 20.53 -2.53 -6.61
C VAL C 181 19.05 -2.44 -6.28
N ILE C 182 18.36 -1.53 -6.95
CA ILE C 182 16.92 -1.35 -6.81
C ILE C 182 16.22 -2.63 -7.25
N LEU C 183 16.64 -3.18 -8.38
CA LEU C 183 16.06 -4.44 -8.88
C LEU C 183 16.32 -5.62 -7.92
N LYS C 184 17.52 -5.69 -7.34
CA LYS C 184 17.76 -6.65 -6.24
C LYS C 184 16.76 -6.44 -5.11
N LEU C 185 16.56 -5.20 -4.70
CA LEU C 185 15.59 -4.87 -3.65
C LEU C 185 14.17 -5.29 -4.03
N ASP C 186 13.75 -4.83 -5.20
CA ASP C 186 12.46 -5.25 -5.83
C ASP C 186 12.26 -6.75 -5.88
N GLN C 187 13.34 -7.48 -6.15
CA GLN C 187 13.28 -8.95 -6.25
C GLN C 187 13.46 -9.72 -4.96
N GLY C 188 13.65 -9.02 -3.83
CA GLY C 188 13.76 -9.67 -2.53
C GLY C 188 15.09 -10.33 -2.27
N ASP C 189 16.15 -9.79 -2.85
CA ASP C 189 17.50 -10.27 -2.63
C ASP C 189 17.83 -10.11 -1.14
N PRO C 190 18.08 -11.23 -0.44
CA PRO C 190 18.32 -11.16 1.01
C PRO C 190 19.61 -10.43 1.36
N GLY C 191 20.61 -10.54 0.47
CA GLY C 191 21.93 -9.94 0.67
C GLY C 191 22.85 -10.89 1.42
N PHE C 192 24.12 -10.54 1.57
CA PHE C 192 25.01 -11.37 2.37
C PHE C 192 25.46 -10.67 3.64
N ALA C 193 25.83 -11.47 4.62
CA ALA C 193 26.16 -10.96 5.93
C ALA C 193 27.50 -10.22 5.87
N GLN C 194 27.59 -9.15 6.65
CA GLN C 194 28.83 -8.45 6.79
C GLN C 194 29.82 -9.30 7.54
N LEU C 195 31.07 -9.22 7.14
CA LEU C 195 32.10 -10.08 7.68
C LEU C 195 33.33 -9.28 7.93
N GLY C 196 34.05 -9.65 8.98
CA GLY C 196 35.35 -9.09 9.23
C GLY C 196 35.34 -8.05 10.32
N GLU C 197 36.49 -7.40 10.42
CA GLU C 197 36.73 -6.48 11.50
C GLU C 197 36.06 -5.15 11.21
N ALA C 198 35.22 -4.71 12.13
CA ALA C 198 34.64 -3.39 12.07
C ALA C 198 35.68 -2.32 12.43
N SER C 199 35.52 -1.11 11.90
CA SER C 199 36.15 0.09 12.44
C SER C 199 35.13 1.21 12.28
N TYR C 200 35.21 2.19 13.18
CA TYR C 200 34.25 3.26 13.27
C TYR C 200 34.99 4.56 13.53
N TYR C 201 34.51 5.65 12.95
CA TYR C 201 35.11 6.95 13.08
C TYR C 201 34.00 7.94 13.41
N ALA C 202 34.24 8.79 14.41
CA ALA C 202 33.22 9.75 14.89
C ALA C 202 33.05 10.90 13.90
N ARG C 203 32.11 11.78 14.20
CA ARG C 203 31.85 12.96 13.35
C ARG C 203 33.05 13.96 13.30
N GLU C 204 33.94 13.93 14.31
CA GLU C 204 35.08 14.86 14.50
C GLU C 204 36.05 14.83 13.33
N LEU C 205 36.50 15.99 12.90
CA LEU C 205 37.42 16.08 11.77
C LEU C 205 38.75 15.48 12.19
N PRO C 206 39.31 14.52 11.42
CA PRO C 206 40.58 13.88 11.84
C PRO C 206 41.66 14.84 12.40
N PHE C 207 42.01 14.67 13.68
CA PHE C 207 43.06 15.48 14.37
C PHE C 207 42.84 17.01 14.31
N GLY C 208 41.58 17.43 14.27
CA GLY C 208 41.17 18.80 14.10
C GLY C 208 41.62 19.51 12.83
N GLY C 209 42.18 18.78 11.88
CA GLY C 209 42.75 19.39 10.69
C GLY C 209 44.17 19.89 10.86
N VAL C 210 44.79 19.60 12.00
CA VAL C 210 46.13 20.11 12.28
C VAL C 210 47.19 19.02 12.01
N ILE C 211 48.20 19.41 11.24
CA ILE C 211 49.36 18.59 10.93
C ILE C 211 50.23 18.57 12.15
N ASP C 212 50.76 17.40 12.45
CA ASP C 212 51.70 17.22 13.50
C ASP C 212 53.02 17.00 12.79
N PRO C 213 53.96 18.01 12.79
CA PRO C 213 55.19 17.92 11.93
C PRO C 213 56.18 16.86 12.40
N ARG C 214 56.01 16.41 13.65
CA ARG C 214 56.57 15.15 14.15
C ARG C 214 56.31 13.96 13.24
N TRP C 215 55.08 13.80 12.75
CA TRP C 215 54.75 12.63 11.89
C TRP C 215 55.76 12.44 10.72
N SER C 216 55.75 11.26 10.08
CA SER C 216 56.62 11.07 8.92
C SER C 216 56.12 11.91 7.75
N GLU C 217 56.96 12.07 6.74
CA GLU C 217 56.55 12.70 5.50
C GLU C 217 55.30 11.99 4.91
N VAL C 218 55.37 10.66 4.77
CA VAL C 218 54.22 9.84 4.29
C VAL C 218 52.92 10.15 5.05
N GLN C 219 53.01 10.28 6.35
CA GLN C 219 51.88 10.51 7.22
C GLN C 219 51.24 11.87 6.96
N ILE C 220 52.10 12.85 6.73
CA ILE C 220 51.72 14.23 6.50
C ILE C 220 51.14 14.42 5.09
N ASP C 221 51.80 13.85 4.08
CA ASP C 221 51.30 13.84 2.68
C ASP C 221 49.84 13.35 2.65
N ARG C 222 49.65 12.18 3.25
CA ARG C 222 48.36 11.59 3.40
C ARG C 222 47.37 12.50 4.06
N PHE C 223 47.75 13.08 5.19
CA PHE C 223 46.84 14.00 5.91
C PHE C 223 46.44 15.20 5.05
N ILE C 224 47.42 15.81 4.40
CA ILE C 224 47.17 16.92 3.47
C ILE C 224 46.08 16.54 2.45
N ARG C 225 46.35 15.48 1.68
CA ARG C 225 45.43 15.02 0.68
C ARG C 225 44.05 14.65 1.27
N ALA C 226 44.03 14.09 2.48
CA ALA C 226 42.79 13.75 3.17
C ALA C 226 41.99 14.96 3.64
N MET C 227 42.68 16.07 3.91
CA MET C 227 42.06 17.33 4.33
C MET C 227 41.68 18.27 3.17
N PHE C 228 42.07 17.96 1.94
CA PHE C 228 41.72 18.84 0.82
C PHE C 228 40.27 18.61 0.41
N PHE C 229 39.40 19.61 0.65
CA PHE C 229 37.97 19.54 0.30
C PHE C 229 37.37 20.98 0.27
N PRO C 230 37.50 21.68 -0.86
CA PRO C 230 36.96 23.06 -0.96
C PRO C 230 35.45 23.14 -0.80
N PRO C 231 34.96 24.20 -0.18
CA PRO C 231 35.75 25.34 0.24
C PRO C 231 36.19 25.25 1.70
N PHE C 232 36.30 24.07 2.26
CA PHE C 232 36.74 23.95 3.63
C PHE C 232 38.22 24.25 3.62
N PRO C 233 38.74 24.73 4.77
CA PRO C 233 40.18 24.96 4.89
C PRO C 233 41.02 23.68 4.69
N PRO C 234 42.21 23.80 4.07
CA PRO C 234 43.10 22.64 4.01
C PRO C 234 43.63 22.29 5.39
N ALA C 235 44.52 21.29 5.42
CA ALA C 235 45.25 20.97 6.62
C ALA C 235 45.99 22.21 7.12
N VAL C 236 46.24 22.29 8.42
CA VAL C 236 47.03 23.40 8.94
C VAL C 236 48.27 22.99 9.72
N LEU C 237 49.34 23.75 9.50
CA LEU C 237 50.50 23.81 10.38
C LEU C 237 50.32 25.07 11.25
N LYS C 238 50.47 24.90 12.55
CA LYS C 238 50.42 26.02 13.47
C LYS C 238 51.84 26.21 14.01
N ILE C 239 52.44 27.36 13.71
CA ILE C 239 53.75 27.74 14.29
C ILE C 239 53.77 29.22 14.60
N ASP C 240 54.10 29.54 15.85
CA ASP C 240 54.14 30.91 16.39
C ASP C 240 52.81 31.62 16.22
N GLY C 241 51.77 31.06 16.85
CA GLY C 241 50.42 31.63 16.85
C GLY C 241 49.85 31.85 15.45
N LYS C 242 50.51 31.25 14.46
CA LYS C 242 50.22 31.51 13.07
C LYS C 242 49.77 30.21 12.44
N VAL C 243 48.66 30.27 11.74
CA VAL C 243 48.20 29.18 10.91
C VAL C 243 48.77 29.36 9.51
N TYR C 244 49.14 28.26 8.85
CA TYR C 244 49.53 28.28 7.44
C TYR C 244 48.74 27.19 6.74
N TYR C 245 48.27 27.49 5.53
CA TYR C 245 47.34 26.61 4.81
C TYR C 245 48.09 25.65 3.90
N VAL C 246 47.90 24.34 4.09
CA VAL C 246 48.68 23.33 3.36
C VAL C 246 47.79 22.43 2.48
N PRO C 247 47.48 22.87 1.23
CA PRO C 247 46.54 22.13 0.37
C PRO C 247 47.18 21.12 -0.61
N SER C 248 48.50 21.08 -0.66
CA SER C 248 49.25 20.16 -1.50
C SER C 248 50.57 19.88 -0.82
N ILE C 249 51.22 18.80 -1.22
CA ILE C 249 52.58 18.52 -0.69
C ILE C 249 53.63 19.47 -1.26
N ASP C 250 53.33 20.06 -2.43
CA ASP C 250 54.09 21.15 -3.04
C ASP C 250 54.24 22.26 -2.05
N ILE C 251 53.10 22.74 -1.56
CA ILE C 251 53.09 23.78 -0.54
C ILE C 251 53.78 23.32 0.77
N TYR C 252 53.74 22.01 1.09
CA TYR C 252 54.41 21.52 2.31
C TYR C 252 55.95 21.62 2.26
N ARG C 253 56.58 21.01 1.25
CA ARG C 253 58.07 21.02 1.13
C ARG C 253 58.58 22.43 0.80
N SER C 254 57.72 23.25 0.22
CA SER C 254 58.01 24.66 0.05
C SER C 254 57.92 25.38 1.37
N LEU C 255 56.92 25.05 2.20
CA LEU C 255 56.82 25.60 3.58
C LEU C 255 57.99 25.20 4.49
N MET C 256 58.44 23.94 4.40
CA MET C 256 59.68 23.47 5.03
C MET C 256 60.92 24.34 4.69
N ARG C 257 60.73 25.41 3.89
CA ARG C 257 61.71 26.51 3.70
C ARG C 257 61.06 27.96 3.68
N GLY C 258 60.12 28.24 2.78
CA GLY C 258 59.47 29.56 2.70
C GLY C 258 58.39 29.60 1.63
N ILE C 259 57.18 30.03 2.00
CA ILE C 259 56.02 30.07 1.10
C ILE C 259 55.22 31.35 1.29
N ALA D 4 43.76 6.63 -17.10
CA ALA D 4 43.70 7.93 -16.34
C ALA D 4 43.87 9.16 -17.25
N ILE D 5 43.00 10.14 -17.03
CA ILE D 5 43.05 11.41 -17.75
C ILE D 5 44.41 12.05 -17.53
N ALA D 6 45.00 12.53 -18.62
CA ALA D 6 46.27 13.21 -18.57
C ALA D 6 46.14 14.38 -17.60
N PRO D 7 47.07 14.50 -16.62
CA PRO D 7 47.07 15.62 -15.66
C PRO D 7 47.26 16.89 -16.45
N ASN D 8 46.80 18.01 -15.94
CA ASN D 8 46.84 19.24 -16.76
C ASN D 8 45.91 19.30 -18.02
N THR D 9 45.09 18.27 -18.27
CA THR D 9 44.02 18.43 -19.27
C THR D 9 43.02 19.49 -18.77
N ARG D 10 42.68 20.43 -19.65
CA ARG D 10 41.80 21.53 -19.29
C ARG D 10 40.45 21.23 -19.91
N VAL D 11 39.43 21.07 -19.08
CA VAL D 11 38.11 20.65 -19.55
C VAL D 11 37.04 21.73 -19.36
N LEU D 12 36.36 22.10 -20.44
CA LEU D 12 35.25 23.03 -20.36
C LEU D 12 33.97 22.29 -20.62
N VAL D 13 33.06 22.34 -19.66
CA VAL D 13 31.76 21.72 -19.79
C VAL D 13 30.75 22.83 -20.10
N ALA D 14 30.19 22.76 -21.30
CA ALA D 14 29.02 23.55 -21.63
C ALA D 14 27.79 22.69 -21.39
N GLY D 15 27.02 23.01 -20.35
CA GLY D 15 25.79 22.25 -20.08
C GLY D 15 24.75 22.90 -19.18
N TYR D 16 23.79 22.07 -18.74
CA TYR D 16 22.62 22.54 -18.05
C TYR D 16 22.06 21.42 -17.23
N GLY D 17 21.71 21.73 -15.99
CA GLY D 17 21.03 20.76 -15.12
C GLY D 17 21.90 19.58 -14.68
N LEU D 18 21.23 18.53 -14.23
CA LEU D 18 21.88 17.35 -13.68
C LEU D 18 22.95 16.73 -14.57
N PRO D 19 22.71 16.64 -15.88
CA PRO D 19 23.76 16.04 -16.70
C PRO D 19 25.10 16.80 -16.54
N ALA D 20 25.03 18.13 -16.49
CA ALA D 20 26.23 18.92 -16.28
C ALA D 20 26.82 18.80 -14.84
N GLU D 21 25.99 18.67 -13.82
CA GLU D 21 26.47 18.54 -12.43
C GLU D 21 27.09 17.17 -12.22
N PHE D 22 26.47 16.16 -12.81
CA PHE D 22 27.02 14.85 -12.72
C PHE D 22 28.37 14.82 -13.45
N CYS D 23 28.47 15.52 -14.59
CA CYS D 23 29.71 15.61 -15.34
C CYS D 23 30.85 16.24 -14.54
N VAL D 24 30.60 17.35 -13.85
CA VAL D 24 31.63 18.01 -13.07
C VAL D 24 32.08 17.10 -11.90
N THR D 25 31.11 16.57 -11.16
CA THR D 25 31.34 15.48 -10.21
C THR D 25 32.19 14.33 -10.78
N THR D 26 31.89 13.88 -11.98
CA THR D 26 32.67 12.81 -12.60
C THR D 26 34.09 13.32 -12.85
N LEU D 27 34.26 14.57 -13.31
CA LEU D 27 35.61 15.10 -13.55
C LEU D 27 36.42 15.18 -12.24
N ILE D 28 35.74 15.59 -11.16
CA ILE D 28 36.44 15.75 -9.91
C ILE D 28 36.89 14.40 -9.40
N GLY D 29 36.05 13.39 -9.57
CA GLY D 29 36.45 12.02 -9.20
C GLY D 29 37.59 11.47 -10.03
N MET D 30 37.72 11.96 -11.25
CA MET D 30 38.85 11.57 -12.13
C MET D 30 40.13 12.36 -11.84
N GLY D 31 40.15 13.21 -10.81
CA GLY D 31 41.35 13.91 -10.41
C GLY D 31 41.59 15.22 -11.12
N VAL D 32 40.66 15.67 -11.95
CA VAL D 32 40.82 16.92 -12.65
C VAL D 32 40.68 18.05 -11.63
N GLU D 33 41.72 18.86 -11.47
CA GLU D 33 41.73 19.94 -10.47
C GLU D 33 40.71 21.01 -10.81
N ILE D 34 40.27 21.74 -9.80
CA ILE D 34 39.22 22.75 -10.00
C ILE D 34 39.56 23.85 -10.99
N ASP D 35 40.77 24.36 -10.91
CA ASP D 35 41.25 25.38 -11.83
C ASP D 35 41.38 24.90 -13.30
N LYS D 36 41.39 23.58 -13.53
CA LYS D 36 41.40 22.95 -14.88
C LYS D 36 39.99 22.57 -15.35
N ILE D 37 38.96 23.05 -14.65
CA ILE D 37 37.58 22.89 -15.07
C ILE D 37 36.96 24.26 -15.22
N ALA D 38 36.19 24.46 -16.30
CA ALA D 38 35.36 25.67 -16.47
C ALA D 38 33.99 25.23 -16.95
N VAL D 39 32.96 26.01 -16.61
CA VAL D 39 31.58 25.69 -17.01
C VAL D 39 30.94 26.87 -17.70
N ALA D 40 30.30 26.60 -18.83
CA ALA D 40 29.42 27.54 -19.46
C ALA D 40 28.04 26.96 -19.36
N THR D 41 27.09 27.77 -18.90
CA THR D 41 25.73 27.29 -18.74
C THR D 41 24.82 28.47 -18.95
N HIS D 42 23.53 28.29 -18.63
CA HIS D 42 22.54 29.36 -18.69
C HIS D 42 22.21 29.82 -17.30
N ARG D 43 21.22 30.72 -17.20
CA ARG D 43 20.84 31.37 -15.98
C ARG D 43 20.32 30.38 -14.98
N GLU D 44 20.41 30.78 -13.69
CA GLU D 44 19.80 30.05 -12.58
C GLU D 44 18.32 29.95 -12.93
N ASP D 45 17.78 28.75 -13.03
CA ASP D 45 16.33 28.59 -13.11
C ASP D 45 16.07 27.30 -12.36
N ASN D 46 14.89 26.73 -12.48
CA ASN D 46 14.62 25.58 -11.65
C ASN D 46 15.57 24.40 -11.95
N ARG D 47 15.60 23.98 -13.22
CA ARG D 47 16.34 22.80 -13.59
C ARG D 47 17.80 22.99 -13.43
N ASN D 48 18.26 24.22 -13.34
CA ASN D 48 19.70 24.49 -13.32
C ASN D 48 20.21 24.89 -11.96
N CYS D 49 19.42 24.73 -10.90
CA CYS D 49 19.83 25.19 -9.57
C CYS D 49 20.93 24.32 -9.03
N GLY D 50 20.83 23.03 -9.29
CA GLY D 50 21.86 22.10 -8.87
C GLY D 50 23.22 22.52 -9.37
N LEU D 51 23.30 22.78 -10.66
CA LEU D 51 24.58 23.16 -11.26
C LEU D 51 25.13 24.45 -10.64
N HIS D 52 24.40 25.54 -10.78
CA HIS D 52 24.76 26.81 -10.21
C HIS D 52 25.22 26.74 -8.73
N SER D 53 24.49 26.02 -7.88
CA SER D 53 24.90 25.84 -6.46
C SER D 53 26.25 25.14 -6.30
N MET D 54 26.49 24.04 -7.03
CA MET D 54 27.81 23.37 -7.06
C MET D 54 28.93 24.33 -7.49
N LEU D 55 28.67 25.13 -8.55
CA LEU D 55 29.68 26.00 -9.11
C LEU D 55 30.09 27.03 -8.09
N ARG D 56 29.08 27.65 -7.50
CA ARG D 56 29.30 28.64 -6.46
C ARG D 56 30.00 28.01 -5.24
N LEU D 57 29.60 26.81 -4.83
CA LEU D 57 30.13 26.19 -3.59
C LEU D 57 31.59 25.71 -3.69
N ARG D 58 31.91 25.08 -4.81
CA ARG D 58 33.28 24.67 -5.07
C ARG D 58 34.14 25.74 -5.74
N ASN D 59 33.54 26.90 -6.03
CA ASN D 59 34.31 27.99 -6.65
C ASN D 59 34.86 27.61 -8.01
N ILE D 60 33.98 27.07 -8.83
CA ILE D 60 34.37 26.66 -10.18
C ILE D 60 34.03 27.83 -11.08
N GLN D 61 34.96 28.21 -11.94
CA GLN D 61 34.74 29.37 -12.78
C GLN D 61 33.68 29.02 -13.83
N PHE D 62 32.75 29.93 -14.05
CA PHE D 62 31.73 29.73 -15.08
C PHE D 62 31.20 31.01 -15.71
N THR D 63 30.44 30.88 -16.79
CA THR D 63 29.77 32.02 -17.42
C THR D 63 28.36 31.61 -17.73
N THR D 64 27.43 32.56 -17.59
CA THR D 64 26.07 32.41 -18.17
C THR D 64 25.90 33.20 -19.44
N ALA D 65 26.94 33.86 -19.93
CA ALA D 65 26.79 34.67 -21.16
C ALA D 65 26.22 33.86 -22.34
N ALA D 66 25.65 34.57 -23.29
CA ALA D 66 24.99 33.95 -24.42
C ALA D 66 26.06 33.43 -25.35
N ALA D 67 25.78 32.28 -25.97
CA ALA D 67 26.76 31.54 -26.74
C ALA D 67 27.32 32.33 -27.93
N ASN D 68 26.49 33.20 -28.50
CA ASN D 68 26.89 34.09 -29.60
C ASN D 68 27.70 35.36 -29.16
N SER D 69 27.84 35.61 -27.85
CA SER D 69 28.45 36.84 -27.35
C SER D 69 29.99 36.82 -27.32
N GLU D 70 30.57 38.00 -27.29
CA GLU D 70 32.01 38.17 -27.13
C GLU D 70 32.44 37.71 -25.73
N GLU D 71 31.63 38.05 -24.73
CA GLU D 71 31.90 37.63 -23.34
C GLU D 71 32.04 36.10 -23.25
N PHE D 72 31.22 35.40 -24.03
CA PHE D 72 31.27 33.94 -24.09
C PHE D 72 32.57 33.43 -24.73
N TYR D 73 32.97 34.06 -25.82
CA TYR D 73 34.18 33.65 -26.50
C TYR D 73 35.44 33.87 -25.66
N GLU D 74 35.52 35.02 -25.00
CA GLU D 74 36.64 35.41 -24.13
C GLU D 74 36.77 34.41 -23.04
N PHE D 75 35.64 34.08 -22.40
CA PHE D 75 35.63 33.09 -21.33
C PHE D 75 36.35 31.83 -21.74
N GLY D 76 36.08 31.35 -22.95
CA GLY D 76 36.66 30.15 -23.50
C GLY D 76 38.12 30.31 -23.90
N ALA D 77 38.46 31.47 -24.42
CA ALA D 77 39.86 31.77 -24.77
C ALA D 77 40.70 32.00 -23.52
N ASN D 78 40.18 32.69 -22.48
CA ASN D 78 40.93 32.86 -21.23
C ASN D 78 41.15 31.53 -20.56
N PHE D 79 40.14 30.66 -20.55
CA PHE D 79 40.31 29.33 -19.95
C PHE D 79 41.26 28.43 -20.72
N ALA D 80 41.17 28.45 -22.05
CA ALA D 80 42.00 27.64 -22.97
C ALA D 80 41.87 26.14 -22.81
N PRO D 81 40.68 25.61 -23.10
CA PRO D 81 40.45 24.20 -22.89
C PRO D 81 41.18 23.30 -23.89
N ASP D 82 41.49 22.09 -23.46
CA ASP D 82 41.87 21.00 -24.37
C ASP D 82 40.68 20.26 -24.97
N MET D 83 39.63 20.09 -24.19
CA MET D 83 38.36 19.50 -24.64
C MET D 83 37.11 20.24 -24.12
N ILE D 84 36.05 20.13 -24.89
CA ILE D 84 34.76 20.74 -24.55
C ILE D 84 33.74 19.63 -24.46
N ILE D 85 32.95 19.59 -23.39
CA ILE D 85 31.88 18.59 -23.26
C ILE D 85 30.55 19.28 -23.16
N SER D 86 29.68 18.97 -24.12
CA SER D 86 28.34 19.52 -24.18
C SER D 86 27.36 18.54 -23.55
N MET D 87 26.73 18.98 -22.47
CA MET D 87 25.77 18.19 -21.71
C MET D 87 24.49 18.98 -21.55
N HIS D 88 23.61 18.81 -22.52
CA HIS D 88 22.29 19.44 -22.58
C HIS D 88 22.40 20.97 -22.62
N TYR D 89 23.48 21.49 -23.22
CA TYR D 89 23.62 22.92 -23.43
C TYR D 89 22.51 23.27 -24.44
N ARG D 90 21.89 24.44 -24.32
CA ARG D 90 20.63 24.79 -25.01
C ARG D 90 20.80 25.80 -26.17
N SER D 91 22.05 26.02 -26.60
CA SER D 91 22.41 27.01 -27.63
C SER D 91 23.42 26.45 -28.58
N LEU D 92 23.39 26.96 -29.80
CA LEU D 92 24.41 26.61 -30.76
C LEU D 92 25.73 27.27 -30.32
N ILE D 93 26.80 26.47 -30.32
CA ILE D 93 28.13 26.91 -29.91
C ILE D 93 28.91 27.27 -31.17
N PRO D 94 29.42 28.52 -31.25
CA PRO D 94 30.12 28.98 -32.48
C PRO D 94 31.34 28.14 -32.84
N GLY D 95 31.62 28.02 -34.14
CA GLY D 95 32.79 27.30 -34.65
C GLY D 95 34.12 27.79 -34.07
N ARG D 96 34.23 29.12 -33.94
CA ARG D 96 35.45 29.74 -33.38
C ARG D 96 35.69 29.39 -31.90
N PHE D 97 34.60 29.19 -31.13
CA PHE D 97 34.69 28.58 -29.77
C PHE D 97 35.12 27.11 -29.74
N LEU D 98 34.54 26.33 -30.63
CA LEU D 98 34.90 24.92 -30.72
C LEU D 98 36.33 24.73 -31.17
N LYS D 99 36.78 25.61 -32.07
CA LYS D 99 38.13 25.59 -32.58
C LYS D 99 39.15 25.65 -31.43
N LEU D 100 38.84 26.38 -30.35
CA LEU D 100 39.75 26.52 -29.20
C LEU D 100 40.29 25.24 -28.58
N ALA D 101 39.59 24.12 -28.77
CA ALA D 101 39.96 22.86 -28.13
C ALA D 101 40.75 21.94 -29.06
N LYS D 102 42.01 21.69 -28.71
CA LYS D 102 42.88 20.79 -29.53
C LYS D 102 42.31 19.39 -29.64
N LYS D 103 41.87 18.83 -28.52
CA LYS D 103 41.32 17.48 -28.51
C LYS D 103 39.85 17.39 -28.97
N GLY D 104 39.25 18.53 -29.35
CA GLY D 104 37.93 18.55 -29.93
C GLY D 104 36.81 18.53 -28.89
N SER D 105 35.63 18.07 -29.31
CA SER D 105 34.48 18.10 -28.43
C SER D 105 33.65 16.86 -28.49
N VAL D 106 32.75 16.72 -27.52
CA VAL D 106 31.71 15.73 -27.55
C VAL D 106 30.38 16.31 -27.02
N ASN D 107 29.28 15.76 -27.54
CA ASN D 107 27.92 16.14 -27.11
C ASN D 107 27.09 14.90 -26.86
N LEU D 108 26.25 14.92 -25.83
CA LEU D 108 25.26 13.87 -25.57
C LEU D 108 23.96 14.12 -26.36
N HIS D 109 23.66 13.26 -27.30
CA HIS D 109 22.42 13.36 -28.05
C HIS D 109 21.56 12.11 -27.73
N PRO D 110 20.31 12.32 -27.29
CA PRO D 110 19.49 11.21 -26.88
C PRO D 110 18.75 10.50 -28.04
N SER D 111 19.51 10.02 -29.00
CA SER D 111 19.03 9.18 -30.10
C SER D 111 20.19 8.35 -30.64
N LEU D 112 19.81 7.35 -31.43
CA LEU D 112 20.78 6.61 -32.24
C LEU D 112 21.03 7.39 -33.50
N LEU D 113 21.95 8.36 -33.46
CA LEU D 113 22.29 9.12 -34.67
C LEU D 113 22.82 8.15 -35.72
N PRO D 114 22.53 8.37 -37.02
CA PRO D 114 21.91 9.58 -37.56
C PRO D 114 20.38 9.69 -37.46
N ALA D 115 19.69 8.75 -36.79
CA ALA D 115 18.22 8.82 -36.66
C ALA D 115 17.89 9.85 -35.58
N TYR D 116 16.83 10.63 -35.83
CA TYR D 116 16.36 11.64 -34.87
C TYR D 116 17.41 12.65 -34.42
N ARG D 117 18.14 13.23 -35.38
CA ARG D 117 18.85 14.47 -35.14
C ARG D 117 17.81 15.52 -34.82
N GLY D 118 18.23 16.57 -34.12
CA GLY D 118 17.40 17.74 -33.86
C GLY D 118 16.90 17.73 -32.45
N THR D 119 15.63 18.02 -32.27
CA THR D 119 15.12 18.15 -30.92
C THR D 119 13.86 17.28 -30.77
N ASN D 120 13.45 17.09 -29.51
CA ASN D 120 12.30 16.29 -29.13
C ASN D 120 12.47 14.83 -29.56
N SER D 121 13.71 14.35 -29.50
CA SER D 121 14.06 13.06 -30.05
C SER D 121 13.31 11.96 -29.30
N VAL D 122 13.21 12.14 -27.97
CA VAL D 122 12.51 11.20 -27.08
C VAL D 122 11.01 11.14 -27.40
N ALA D 123 10.38 12.28 -27.59
CA ALA D 123 8.97 12.32 -27.96
C ALA D 123 8.73 11.64 -29.29
N TRP D 124 9.49 12.04 -30.30
CA TRP D 124 9.32 11.55 -31.67
C TRP D 124 9.58 10.03 -31.82
N VAL D 125 10.44 9.51 -30.95
CA VAL D 125 10.74 8.09 -30.94
C VAL D 125 9.46 7.29 -30.53
N ILE D 126 8.77 7.79 -29.50
CA ILE D 126 7.55 7.18 -28.99
C ILE D 126 6.48 7.39 -30.05
N ILE D 127 6.30 8.62 -30.52
CA ILE D 127 5.33 8.97 -31.57
C ILE D 127 5.40 8.02 -32.79
N ASN D 128 6.61 7.77 -33.26
CA ASN D 128 6.79 6.95 -34.44
C ASN D 128 6.74 5.45 -34.21
N GLY D 129 6.56 5.02 -32.97
CA GLY D 129 6.54 3.61 -32.66
C GLY D 129 7.88 2.88 -32.79
N GLU D 130 8.99 3.54 -32.44
CA GLU D 130 10.27 2.84 -32.42
C GLU D 130 10.16 1.87 -31.26
N SER D 131 10.70 0.68 -31.43
CA SER D 131 10.82 -0.28 -30.34
C SER D 131 12.17 -0.09 -29.63
N GLU D 132 13.09 0.63 -30.28
CA GLU D 132 14.44 0.90 -29.76
C GLU D 132 14.93 2.29 -30.12
N THR D 133 15.62 2.89 -29.15
CA THR D 133 16.25 4.18 -29.31
C THR D 133 17.58 4.04 -28.59
N GLY D 134 18.14 5.14 -28.13
CA GLY D 134 19.42 5.09 -27.46
C GLY D 134 19.98 6.48 -27.33
N PHE D 135 21.22 6.53 -26.92
CA PHE D 135 21.99 7.78 -26.92
C PHE D 135 23.33 7.63 -27.64
N SER D 136 23.80 8.74 -28.18
CA SER D 136 25.06 8.89 -28.94
C SER D 136 25.90 10.02 -28.32
N TYR D 137 27.13 9.71 -27.90
CA TYR D 137 28.10 10.72 -27.50
C TYR D 137 28.90 10.95 -28.75
N HIS D 138 28.73 12.09 -29.38
CA HIS D 138 29.28 12.27 -30.70
C HIS D 138 30.12 13.52 -30.73
N ARG D 139 31.22 13.49 -31.49
CA ARG D 139 32.10 14.65 -31.60
C ARG D 139 31.39 15.84 -32.22
N MET D 140 31.44 16.98 -31.54
CA MET D 140 30.79 18.19 -32.03
C MET D 140 31.70 18.94 -33.01
N ASP D 141 31.08 19.69 -33.91
CA ASP D 141 31.82 20.46 -34.91
C ASP D 141 30.89 21.00 -35.98
N ASP D 145 24.84 17.66 -34.39
CA ASP D 145 24.85 16.21 -34.60
C ASP D 145 25.36 15.86 -36.00
N THR D 146 26.67 16.01 -36.20
CA THR D 146 27.27 15.71 -37.50
C THR D 146 28.58 14.94 -37.31
N GLY D 147 29.28 15.22 -36.22
CA GLY D 147 30.55 14.56 -35.93
C GLY D 147 30.40 13.07 -35.76
N ALA D 148 31.52 12.38 -35.64
CA ALA D 148 31.52 10.93 -35.47
C ALA D 148 30.94 10.54 -34.11
N ILE D 149 30.76 9.24 -33.91
CA ILE D 149 30.21 8.74 -32.66
C ILE D 149 31.33 8.09 -31.85
N LEU D 150 31.55 8.58 -30.64
CA LEU D 150 32.55 8.00 -29.76
C LEU D 150 31.94 6.86 -28.98
N LEU D 151 30.67 6.97 -28.63
CA LEU D 151 30.00 5.92 -27.89
C LEU D 151 28.53 6.04 -28.10
N GLN D 152 27.91 4.88 -28.21
CA GLN D 152 26.51 4.78 -28.47
C GLN D 152 25.97 3.61 -27.68
N GLU D 153 24.74 3.72 -27.17
CA GLU D 153 24.13 2.64 -26.41
C GLU D 153 22.65 2.57 -26.69
N ARG D 154 22.14 1.35 -26.73
CA ARG D 154 20.73 1.13 -27.05
C ARG D 154 19.87 1.10 -25.79
N ILE D 155 18.68 1.65 -25.92
CA ILE D 155 17.68 1.70 -24.86
C ILE D 155 16.40 1.28 -25.53
N SER D 156 15.75 0.25 -25.00
CA SER D 156 14.50 -0.19 -25.61
C SER D 156 13.36 0.65 -25.09
N VAL D 157 12.40 0.86 -25.97
CA VAL D 157 11.23 1.71 -25.73
C VAL D 157 10.08 0.79 -25.40
N GLU D 158 9.40 1.03 -24.30
CA GLU D 158 8.34 0.12 -23.86
C GLU D 158 6.98 0.67 -24.23
N GLU D 159 5.98 -0.19 -24.35
CA GLU D 159 4.60 0.27 -24.66
C GLU D 159 4.03 1.20 -23.58
N THR D 160 4.49 1.04 -22.35
CA THR D 160 4.05 1.84 -21.22
C THR D 160 4.90 3.09 -21.05
N ASP D 161 5.97 3.24 -21.86
CA ASP D 161 6.77 4.48 -21.81
C ASP D 161 6.00 5.72 -22.22
N THR D 162 6.31 6.80 -21.53
CA THR D 162 5.91 8.16 -21.88
C THR D 162 7.18 8.96 -22.28
N ALA D 163 7.00 10.20 -22.75
CA ALA D 163 8.18 11.05 -22.90
C ALA D 163 8.84 11.27 -21.54
N PHE D 164 8.04 11.38 -20.51
CA PHE D 164 8.58 11.65 -19.19
C PHE D 164 9.49 10.51 -18.73
N SER D 165 9.01 9.29 -18.78
CA SER D 165 9.80 8.14 -18.36
C SER D 165 11.09 7.94 -19.19
N LEU D 166 11.00 8.04 -20.51
CA LEU D 166 12.18 7.75 -21.36
C LEU D 166 13.21 8.85 -21.24
N PHE D 167 12.75 10.11 -21.18
CA PHE D 167 13.65 11.27 -21.03
C PHE D 167 14.54 11.10 -19.82
N HIS D 168 13.97 10.55 -18.75
CA HIS D 168 14.72 10.29 -17.54
C HIS D 168 15.61 9.04 -17.66
N ARG D 169 15.17 8.04 -18.40
CA ARG D 169 16.02 6.88 -18.61
C ARG D 169 17.21 7.26 -19.52
N GLN D 170 16.94 8.14 -20.48
CA GLN D 170 17.98 8.66 -21.34
C GLN D 170 19.08 9.30 -20.51
N ILE D 171 18.71 10.17 -19.58
CA ILE D 171 19.72 10.84 -18.76
C ILE D 171 20.51 9.88 -17.85
N ALA D 172 19.80 9.05 -17.12
CA ALA D 172 20.38 8.16 -16.15
C ALA D 172 21.37 7.17 -16.81
N ARG D 173 20.90 6.48 -17.83
CA ARG D 173 21.71 5.50 -18.53
C ARG D 173 22.93 6.19 -19.23
N ALA D 174 22.74 7.40 -19.74
CA ALA D 174 23.81 8.15 -20.38
C ALA D 174 24.91 8.55 -19.40
N MET D 175 24.52 8.93 -18.18
CA MET D 175 25.45 9.30 -17.14
C MET D 175 26.43 8.20 -16.81
N LEU D 176 25.91 6.98 -16.82
CA LEU D 176 26.72 5.82 -16.53
C LEU D 176 27.86 5.57 -17.54
N ARG D 177 27.83 6.19 -18.73
CA ARG D 177 28.91 6.00 -19.72
C ARG D 177 29.86 7.19 -19.86
N LEU D 178 29.69 8.20 -19.00
CA LEU D 178 30.30 9.49 -19.20
C LEU D 178 31.78 9.41 -19.00
N GLU D 179 32.19 8.84 -17.88
CA GLU D 179 33.61 8.66 -17.59
C GLU D 179 34.34 7.97 -18.75
N GLU D 180 33.70 6.93 -19.32
CA GLU D 180 34.27 6.21 -20.44
C GLU D 180 34.48 7.18 -21.61
N VAL D 181 33.46 7.99 -21.91
CA VAL D 181 33.50 9.04 -22.98
C VAL D 181 34.62 10.07 -22.79
N ILE D 182 34.80 10.51 -21.55
CA ILE D 182 35.81 11.51 -21.25
C ILE D 182 37.23 10.97 -21.47
N LEU D 183 37.47 9.75 -21.07
CA LEU D 183 38.72 9.08 -21.42
C LEU D 183 38.95 8.98 -22.92
N LYS D 184 37.92 8.60 -23.68
CA LYS D 184 38.08 8.43 -25.14
C LYS D 184 38.48 9.73 -25.79
N LEU D 185 37.82 10.82 -25.38
CA LEU D 185 38.19 12.18 -25.80
C LEU D 185 39.63 12.55 -25.46
N ASP D 186 40.02 12.26 -24.24
CA ASP D 186 41.36 12.58 -23.79
C ASP D 186 42.41 11.80 -24.60
N GLN D 187 42.05 10.59 -25.02
CA GLN D 187 42.92 9.74 -25.84
C GLN D 187 42.81 9.97 -27.34
N GLY D 188 42.05 10.96 -27.78
CA GLY D 188 41.93 11.22 -29.21
C GLY D 188 41.24 10.14 -30.04
N ASP D 189 40.36 9.37 -29.42
CA ASP D 189 39.48 8.44 -30.10
C ASP D 189 38.80 9.15 -31.32
N PRO D 190 38.98 8.62 -32.53
CA PRO D 190 38.32 9.19 -33.72
C PRO D 190 36.84 8.84 -33.83
N GLY D 191 36.39 7.80 -33.11
CA GLY D 191 34.97 7.43 -33.11
C GLY D 191 34.64 6.71 -34.41
N PHE D 192 33.38 6.40 -34.63
CA PHE D 192 32.94 5.76 -35.87
C PHE D 192 31.93 6.64 -36.59
N ALA D 193 31.80 6.41 -37.90
CA ALA D 193 30.98 7.27 -38.71
C ALA D 193 29.49 7.02 -38.47
N GLN D 194 28.72 8.08 -38.62
CA GLN D 194 27.29 7.99 -38.64
C GLN D 194 26.93 7.36 -39.99
N LEU D 195 26.21 6.27 -39.98
CA LEU D 195 25.60 5.74 -41.19
C LEU D 195 24.24 5.18 -40.82
N GLY D 196 23.46 4.90 -41.87
CA GLY D 196 22.16 4.27 -41.75
C GLY D 196 21.10 5.31 -42.04
N GLU D 197 19.88 4.99 -41.69
CA GLU D 197 18.78 5.86 -41.97
C GLU D 197 18.87 7.11 -41.10
N ALA D 198 19.01 8.27 -41.74
CA ALA D 198 18.98 9.54 -41.03
C ALA D 198 17.55 10.11 -40.94
N SER D 199 17.30 10.90 -39.90
CA SER D 199 16.08 11.68 -39.79
C SER D 199 16.33 12.97 -38.96
N TYR D 200 15.43 13.93 -39.03
CA TYR D 200 15.67 15.23 -38.41
C TYR D 200 14.34 15.84 -38.02
N TYR D 201 14.22 16.34 -36.80
CA TYR D 201 13.03 17.06 -36.36
C TYR D 201 13.42 18.41 -35.80
N ALA D 202 12.54 19.37 -36.03
CA ALA D 202 12.78 20.78 -35.71
C ALA D 202 12.45 21.08 -34.25
N ARG D 203 12.38 22.35 -33.95
CA ARG D 203 12.39 22.80 -32.58
C ARG D 203 11.02 22.63 -31.92
N GLU D 204 9.99 22.74 -32.76
CA GLU D 204 8.62 22.85 -32.29
C GLU D 204 8.06 21.58 -31.68
N LEU D 205 7.10 21.76 -30.78
CA LEU D 205 6.43 20.66 -30.13
C LEU D 205 5.69 19.87 -31.24
N PRO D 206 5.80 18.52 -31.22
CA PRO D 206 5.18 17.70 -32.25
C PRO D 206 3.68 17.89 -32.32
N PHE D 207 3.24 18.36 -33.51
CA PHE D 207 1.85 18.64 -33.85
C PHE D 207 1.20 19.64 -32.91
N GLY D 208 1.98 20.57 -32.40
CA GLY D 208 1.50 21.53 -31.40
C GLY D 208 0.79 20.88 -30.23
N GLY D 209 1.13 19.66 -29.91
CA GLY D 209 0.43 18.95 -28.86
C GLY D 209 -1.00 18.53 -29.15
N VAL D 210 -1.43 18.64 -30.40
CA VAL D 210 -2.83 18.44 -30.74
C VAL D 210 -2.97 17.13 -31.47
N ILE D 211 -3.97 16.34 -31.05
CA ILE D 211 -4.30 15.05 -31.68
C ILE D 211 -5.00 15.23 -33.05
N ASP D 212 -4.58 14.44 -34.03
CA ASP D 212 -5.17 14.47 -35.35
C ASP D 212 -6.07 13.25 -35.40
N PRO D 213 -7.42 13.45 -35.44
CA PRO D 213 -8.40 12.33 -35.43
C PRO D 213 -8.35 11.38 -36.64
N ARG D 214 -7.63 11.77 -37.69
CA ARG D 214 -7.37 10.88 -38.80
C ARG D 214 -6.28 9.84 -38.47
N TRP D 215 -5.48 10.06 -37.42
CA TRP D 215 -4.54 9.02 -36.99
C TRP D 215 -5.26 7.71 -36.53
N SER D 216 -4.57 6.56 -36.65
CA SER D 216 -5.02 5.31 -36.05
C SER D 216 -4.96 5.40 -34.52
N GLU D 217 -5.62 4.45 -33.85
CA GLU D 217 -5.62 4.40 -32.41
C GLU D 217 -4.25 4.09 -31.83
N VAL D 218 -3.52 3.24 -32.51
CA VAL D 218 -2.16 2.94 -32.09
C VAL D 218 -1.30 4.23 -32.11
N GLN D 219 -1.45 5.04 -33.14
CA GLN D 219 -0.76 6.34 -33.27
C GLN D 219 -1.20 7.33 -32.24
N ILE D 220 -2.49 7.36 -31.94
CA ILE D 220 -3.01 8.29 -30.96
C ILE D 220 -2.50 7.95 -29.56
N ASP D 221 -2.48 6.64 -29.24
CA ASP D 221 -1.93 6.15 -27.99
C ASP D 221 -0.47 6.63 -27.81
N ARG D 222 0.30 6.40 -28.87
CA ARG D 222 1.69 6.79 -28.90
C ARG D 222 1.82 8.28 -28.68
N PHE D 223 0.99 9.07 -29.34
CA PHE D 223 1.07 10.53 -29.23
C PHE D 223 0.75 11.01 -27.83
N ILE D 224 -0.25 10.39 -27.22
CA ILE D 224 -0.69 10.74 -25.87
C ILE D 224 0.43 10.50 -24.87
N ARG D 225 1.11 9.35 -25.00
CA ARG D 225 2.20 9.03 -24.10
C ARG D 225 3.41 9.94 -24.35
N ALA D 226 3.68 10.32 -25.59
CA ALA D 226 4.77 11.24 -25.91
C ALA D 226 4.52 12.70 -25.47
N MET D 227 3.28 13.04 -25.17
CA MET D 227 2.96 14.33 -24.61
C MET D 227 2.89 14.33 -23.08
N PHE D 228 3.08 13.19 -22.42
CA PHE D 228 3.00 13.17 -20.98
C PHE D 228 4.35 13.66 -20.48
N PHE D 229 4.36 14.88 -19.92
CA PHE D 229 5.56 15.48 -19.36
C PHE D 229 5.19 16.54 -18.30
N PRO D 230 4.90 16.09 -17.07
CA PRO D 230 4.56 17.12 -16.08
C PRO D 230 5.75 18.05 -15.79
N PRO D 231 5.51 19.37 -15.60
CA PRO D 231 4.18 19.94 -15.36
C PRO D 231 3.30 20.27 -16.58
N PHE D 232 3.71 19.93 -17.81
CA PHE D 232 2.90 20.34 -18.96
C PHE D 232 1.54 19.63 -19.04
N PRO D 233 0.53 20.30 -19.65
CA PRO D 233 -0.78 19.65 -19.79
C PRO D 233 -0.76 18.52 -20.83
N PRO D 234 -1.79 17.68 -20.79
CA PRO D 234 -1.73 16.52 -21.72
C PRO D 234 -2.03 16.87 -23.18
N ALA D 235 -1.96 15.82 -24.00
CA ALA D 235 -2.47 15.84 -25.34
C ALA D 235 -3.90 16.40 -25.39
N VAL D 236 -4.17 17.14 -26.47
CA VAL D 236 -5.47 17.77 -26.69
C VAL D 236 -6.24 17.18 -27.91
N LEU D 237 -7.55 17.05 -27.75
CA LEU D 237 -8.49 16.72 -28.83
C LEU D 237 -9.44 17.90 -29.03
N LYS D 238 -9.52 18.41 -30.26
CA LYS D 238 -10.47 19.47 -30.63
C LYS D 238 -11.67 18.87 -31.37
N ILE D 239 -12.80 18.75 -30.67
CA ILE D 239 -14.09 18.45 -31.30
C ILE D 239 -14.81 19.79 -31.49
N ASP D 240 -14.71 20.34 -32.71
CA ASP D 240 -15.37 21.59 -33.16
C ASP D 240 -15.18 22.76 -32.18
N GLY D 241 -13.93 23.15 -31.97
CA GLY D 241 -13.62 24.15 -30.95
C GLY D 241 -13.42 23.51 -29.59
N LYS D 242 -14.46 22.82 -29.06
CA LYS D 242 -14.38 22.17 -27.73
C LYS D 242 -13.10 21.35 -27.54
N VAL D 243 -12.24 21.85 -26.64
CA VAL D 243 -10.97 21.25 -26.30
C VAL D 243 -11.13 20.25 -25.16
N TYR D 244 -10.67 19.03 -25.45
CA TYR D 244 -10.61 17.95 -24.46
C TYR D 244 -9.13 17.66 -24.20
N TYR D 245 -8.82 17.46 -22.93
CA TYR D 245 -7.50 17.04 -22.49
C TYR D 245 -7.52 15.53 -22.37
N VAL D 246 -6.56 14.86 -23.02
CA VAL D 246 -6.66 13.43 -23.25
C VAL D 246 -5.43 12.72 -22.70
N PRO D 247 -5.47 12.34 -21.41
CA PRO D 247 -4.36 11.62 -20.78
C PRO D 247 -4.21 10.09 -21.09
N SER D 248 -5.18 9.47 -21.75
CA SER D 248 -5.15 8.03 -21.97
C SER D 248 -5.94 7.65 -23.20
N ILE D 249 -5.53 6.55 -23.82
CA ILE D 249 -6.25 6.04 -25.01
C ILE D 249 -7.74 5.69 -24.69
N ASP D 250 -8.03 5.23 -23.48
CA ASP D 250 -9.44 5.03 -23.02
C ASP D 250 -10.33 6.28 -23.05
N ILE D 251 -9.80 7.38 -22.50
CA ILE D 251 -10.46 8.67 -22.53
C ILE D 251 -10.73 9.03 -23.97
N TYR D 252 -9.73 8.85 -24.83
CA TYR D 252 -9.92 9.05 -26.25
C TYR D 252 -11.17 8.26 -26.73
N ARG D 253 -11.21 6.96 -26.47
CA ARG D 253 -12.31 6.10 -26.93
C ARG D 253 -13.72 6.59 -26.56
N SER D 254 -13.85 7.32 -25.45
CA SER D 254 -15.00 8.20 -25.19
C SER D 254 -14.97 9.42 -26.13
N LEU D 255 -15.42 9.10 -27.36
CA LEU D 255 -15.44 9.93 -28.54
C LEU D 255 -16.45 9.12 -29.37
N MET D 256 -17.74 9.35 -29.11
CA MET D 256 -18.86 8.69 -29.80
C MET D 256 -20.18 9.38 -29.47
#